data_1RNA
# 
_entry.id   1RNA 
# 
_audit_conform.dict_name       mmcif_pdbx.dic 
_audit_conform.dict_version    5.386 
_audit_conform.dict_location   http://mmcif.pdb.org/dictionaries/ascii/mmcif_pdbx.dic 
# 
loop_
_database_2.database_id 
_database_2.database_code 
_database_2.pdbx_database_accession 
_database_2.pdbx_DOI 
PDB   1RNA         pdb_00001rna 10.2210/pdb1rna/pdb 
RCSB  ARN035       ?            ?                   
WWPDB D_1000176131 ?            ?                   
# 
loop_
_pdbx_audit_revision_history.ordinal 
_pdbx_audit_revision_history.data_content_type 
_pdbx_audit_revision_history.major_revision 
_pdbx_audit_revision_history.minor_revision 
_pdbx_audit_revision_history.revision_date 
1 'Structure model' 1 0 1991-04-15 
2 'Structure model' 1 1 2008-05-22 
3 'Structure model' 1 2 2011-07-13 
4 'Structure model' 1 3 2018-04-18 
5 'Structure model' 1 4 2024-02-14 
# 
_pdbx_audit_revision_details.ordinal             1 
_pdbx_audit_revision_details.revision_ordinal    1 
_pdbx_audit_revision_details.data_content_type   'Structure model' 
_pdbx_audit_revision_details.provider            repository 
_pdbx_audit_revision_details.type                'Initial release' 
_pdbx_audit_revision_details.description         ? 
_pdbx_audit_revision_details.details             ? 
# 
loop_
_pdbx_audit_revision_group.ordinal 
_pdbx_audit_revision_group.revision_ordinal 
_pdbx_audit_revision_group.data_content_type 
_pdbx_audit_revision_group.group 
1 2 'Structure model' 'Version format compliance' 
2 3 'Structure model' 'Version format compliance' 
3 4 'Structure model' 'Data collection'           
4 5 'Structure model' 'Data collection'           
5 5 'Structure model' 'Database references'       
# 
loop_
_pdbx_audit_revision_category.ordinal 
_pdbx_audit_revision_category.revision_ordinal 
_pdbx_audit_revision_category.data_content_type 
_pdbx_audit_revision_category.category 
1 4 'Structure model' diffrn_detector 
2 5 'Structure model' chem_comp_atom  
3 5 'Structure model' chem_comp_bond  
4 5 'Structure model' database_2      
# 
loop_
_pdbx_audit_revision_item.ordinal 
_pdbx_audit_revision_item.revision_ordinal 
_pdbx_audit_revision_item.data_content_type 
_pdbx_audit_revision_item.item 
1 4 'Structure model' '_diffrn_detector.detector'           
2 5 'Structure model' '_database_2.pdbx_DOI'                
3 5 'Structure model' '_database_2.pdbx_database_accession' 
# 
_pdbx_database_status.status_code                     REL 
_pdbx_database_status.entry_id                        1RNA 
_pdbx_database_status.recvd_initial_deposition_date   1990-02-01 
_pdbx_database_status.deposit_site                    BNL 
_pdbx_database_status.process_site                    BNL 
_pdbx_database_status.SG_entry                        . 
_pdbx_database_status.pdb_format_compatible           Y 
_pdbx_database_status.status_code_mr                  ? 
_pdbx_database_status.status_code_sf                  ? 
_pdbx_database_status.status_code_cs                  ? 
_pdbx_database_status.methods_development_category    ? 
_pdbx_database_status.status_code_nmr_data            ? 
# 
loop_
_audit_author.name 
_audit_author.pdbx_ordinal 
'Dock-Bregeon, A.C.' 1 
'Chevrier, B.'       2 
'Podjarny, A.'       3 
'Johnson, J.'        4 
'De Bear, J.S.'      5 
'Gough, G.R.'        6 
'Gilham, P.T.'       7 
'Moras, D.'          8 
# 
loop_
_citation.id 
_citation.title 
_citation.journal_abbrev 
_citation.journal_volume 
_citation.page_first 
_citation.page_last 
_citation.year 
_citation.journal_id_ASTM 
_citation.country 
_citation.journal_id_ISSN 
_citation.journal_id_CSD 
_citation.book_publisher 
_citation.pdbx_database_id_PubMed 
_citation.pdbx_database_id_DOI 
primary 'Crystallographic structure of an RNA helix: [U(UA)6A]2.' J.Mol.Biol. 209 459 474 1989 JMOBAK UK 0022-2836 0070 ? 2479753 
'10.1016/0022-2836(89)90010-7' 
1       'High Resolution Structure of the RNA Duplex [u(u-A)6a]2' Nature      335 375 378 1988 NATUAS UK 0028-0836 0006 ? ?       
?                              
# 
loop_
_citation_author.citation_id 
_citation_author.name 
_citation_author.ordinal 
_citation_author.identifier_ORCID 
primary 'Dock-Bregeon, A.C.' 1  ? 
primary 'Chevrier, B.'       2  ? 
primary 'Podjarny, A.'       3  ? 
primary 'Johnson, J.'        4  ? 
primary 'de Bear, J.S.'      5  ? 
primary 'Gough, G.R.'        6  ? 
primary 'Gilham, P.T.'       7  ? 
primary 'Moras, D.'          8  ? 
1       'Dock-Bregeon, A.C.' 9  ? 
1       'Chevier, B.'        10 ? 
1       'Podjarny, A.'       11 ? 
1       'Moras, D.'          12 ? 
1       'De Bear, J.S.'      13 ? 
1       'Gough, G.R.'        14 ? 
1       'Gilham, P.T.'       15 ? 
1       'Johnson, J.E.'      16 ? 
# 
loop_
_entity.id 
_entity.type 
_entity.src_method 
_entity.pdbx_description 
_entity.formula_weight 
_entity.pdbx_number_of_molecules 
_entity.pdbx_ec 
_entity.pdbx_mutation 
_entity.pdbx_fragment 
_entity.details 
1 polymer syn 
;RNA (5'-R(*UP*UP*AP*UP*AP*UP*AP*UP*AP*UP*AP*UP*AP*A)-3')
;
4402.644 2  ? ? ? ? 
2 water   nat water                                                      18.015   91 ? ? ? ? 
# 
_entity_poly.entity_id                      1 
_entity_poly.type                           polyribonucleotide 
_entity_poly.nstd_linkage                   no 
_entity_poly.nstd_monomer                   no 
_entity_poly.pdbx_seq_one_letter_code       UUAUAUAUAUAUAA 
_entity_poly.pdbx_seq_one_letter_code_can   UUAUAUAUAUAUAA 
_entity_poly.pdbx_strand_id                 A,B 
_entity_poly.pdbx_target_identifier         ? 
# 
_pdbx_entity_nonpoly.entity_id   2 
_pdbx_entity_nonpoly.name        water 
_pdbx_entity_nonpoly.comp_id     HOH 
# 
loop_
_entity_poly_seq.entity_id 
_entity_poly_seq.num 
_entity_poly_seq.mon_id 
_entity_poly_seq.hetero 
1 1  U n 
1 2  U n 
1 3  A n 
1 4  U n 
1 5  A n 
1 6  U n 
1 7  A n 
1 8  U n 
1 9  A n 
1 10 U n 
1 11 A n 
1 12 U n 
1 13 A n 
1 14 A n 
# 
loop_
_chem_comp.id 
_chem_comp.type 
_chem_comp.mon_nstd_flag 
_chem_comp.name 
_chem_comp.pdbx_synonyms 
_chem_comp.formula 
_chem_comp.formula_weight 
A   'RNA linking' y "ADENOSINE-5'-MONOPHOSPHATE" ? 'C10 H14 N5 O7 P' 347.221 
HOH non-polymer   . WATER                        ? 'H2 O'            18.015  
U   'RNA linking' y "URIDINE-5'-MONOPHOSPHATE"   ? 'C9 H13 N2 O9 P'  324.181 
# 
loop_
_pdbx_poly_seq_scheme.asym_id 
_pdbx_poly_seq_scheme.entity_id 
_pdbx_poly_seq_scheme.seq_id 
_pdbx_poly_seq_scheme.mon_id 
_pdbx_poly_seq_scheme.ndb_seq_num 
_pdbx_poly_seq_scheme.pdb_seq_num 
_pdbx_poly_seq_scheme.auth_seq_num 
_pdbx_poly_seq_scheme.pdb_mon_id 
_pdbx_poly_seq_scheme.auth_mon_id 
_pdbx_poly_seq_scheme.pdb_strand_id 
_pdbx_poly_seq_scheme.pdb_ins_code 
_pdbx_poly_seq_scheme.hetero 
A 1 1  U 1  1  1  U U A . n 
A 1 2  U 2  2  2  U U A . n 
A 1 3  A 3  3  3  A A A . n 
A 1 4  U 4  4  4  U U A . n 
A 1 5  A 5  5  5  A A A . n 
A 1 6  U 6  6  6  U U A . n 
A 1 7  A 7  7  7  A A A . n 
A 1 8  U 8  8  8  U U A . n 
A 1 9  A 9  9  9  A A A . n 
A 1 10 U 10 10 10 U U A . n 
A 1 11 A 11 11 11 A A A . n 
A 1 12 U 12 12 12 U U A . n 
A 1 13 A 13 13 13 A A A . n 
A 1 14 A 14 14 14 A A A . n 
B 1 1  U 1  15 15 U U B . n 
B 1 2  U 2  16 16 U U B . n 
B 1 3  A 3  17 17 A A B . n 
B 1 4  U 4  18 18 U U B . n 
B 1 5  A 5  19 19 A A B . n 
B 1 6  U 6  20 20 U U B . n 
B 1 7  A 7  21 21 A A B . n 
B 1 8  U 8  22 22 U U B . n 
B 1 9  A 9  23 23 A A B . n 
B 1 10 U 10 24 24 U U B . n 
B 1 11 A 11 25 25 A A B . n 
B 1 12 U 12 26 26 U U B . n 
B 1 13 A 13 27 27 A A B . n 
B 1 14 A 14 28 28 A A B . n 
# 
loop_
_pdbx_nonpoly_scheme.asym_id 
_pdbx_nonpoly_scheme.entity_id 
_pdbx_nonpoly_scheme.mon_id 
_pdbx_nonpoly_scheme.ndb_seq_num 
_pdbx_nonpoly_scheme.pdb_seq_num 
_pdbx_nonpoly_scheme.auth_seq_num 
_pdbx_nonpoly_scheme.pdb_mon_id 
_pdbx_nonpoly_scheme.auth_mon_id 
_pdbx_nonpoly_scheme.pdb_strand_id 
_pdbx_nonpoly_scheme.pdb_ins_code 
C 2 HOH 1  29  29  HOH HOH A . 
C 2 HOH 2  30  30  HOH HOH A . 
C 2 HOH 3  31  31  HOH HOH A . 
C 2 HOH 4  33  33  HOH HOH A . 
C 2 HOH 5  34  34  HOH HOH A . 
C 2 HOH 6  35  35  HOH HOH A . 
C 2 HOH 7  36  36  HOH HOH A . 
C 2 HOH 8  38  38  HOH HOH A . 
C 2 HOH 9  40  40  HOH HOH A . 
C 2 HOH 10 41  41  HOH HOH A . 
C 2 HOH 11 42  42  HOH HOH A . 
C 2 HOH 12 43  43  HOH HOH A . 
C 2 HOH 13 45  45  HOH HOH A . 
C 2 HOH 14 46  46  HOH HOH A . 
C 2 HOH 15 47  47  HOH HOH A . 
C 2 HOH 16 54  54  HOH HOH A . 
C 2 HOH 17 56  56  HOH HOH A . 
C 2 HOH 18 61  61  HOH HOH A . 
C 2 HOH 19 62  62  HOH HOH A . 
C 2 HOH 20 63  63  HOH HOH A . 
C 2 HOH 21 64  64  HOH HOH A . 
C 2 HOH 22 65  65  HOH HOH A . 
C 2 HOH 23 66  66  HOH HOH A . 
C 2 HOH 24 69  69  HOH HOH A . 
C 2 HOH 25 70  70  HOH HOH A . 
C 2 HOH 26 71  71  HOH HOH A . 
C 2 HOH 27 72  72  HOH HOH A . 
C 2 HOH 28 74  74  HOH HOH A . 
C 2 HOH 29 78  78  HOH HOH A . 
C 2 HOH 30 80  80  HOH HOH A . 
C 2 HOH 31 86  86  HOH HOH A . 
C 2 HOH 32 90  90  HOH HOH A . 
C 2 HOH 33 93  93  HOH HOH A . 
C 2 HOH 34 95  95  HOH HOH A . 
C 2 HOH 35 96  96  HOH HOH A . 
C 2 HOH 36 98  98  HOH HOH A . 
C 2 HOH 37 101 101 HOH HOH A . 
C 2 HOH 38 102 102 HOH HOH A . 
C 2 HOH 39 104 104 HOH HOH A . 
C 2 HOH 40 105 105 HOH HOH A . 
C 2 HOH 41 109 109 HOH HOH A . 
C 2 HOH 42 110 110 HOH HOH A . 
C 2 HOH 43 112 112 HOH HOH A . 
C 2 HOH 44 114 114 HOH HOH A . 
C 2 HOH 45 115 115 HOH HOH A . 
C 2 HOH 46 118 118 HOH HOH A . 
C 2 HOH 47 119 119 HOH HOH A . 
D 2 HOH 1  32  32  HOH HOH B . 
D 2 HOH 2  37  37  HOH HOH B . 
D 2 HOH 3  39  39  HOH HOH B . 
D 2 HOH 4  44  44  HOH HOH B . 
D 2 HOH 5  48  48  HOH HOH B . 
D 2 HOH 6  49  49  HOH HOH B . 
D 2 HOH 7  50  50  HOH HOH B . 
D 2 HOH 8  51  51  HOH HOH B . 
D 2 HOH 9  52  52  HOH HOH B . 
D 2 HOH 10 53  53  HOH HOH B . 
D 2 HOH 11 55  55  HOH HOH B . 
D 2 HOH 12 57  57  HOH HOH B . 
D 2 HOH 13 58  58  HOH HOH B . 
D 2 HOH 14 59  59  HOH HOH B . 
D 2 HOH 15 60  60  HOH HOH B . 
D 2 HOH 16 67  67  HOH HOH B . 
D 2 HOH 17 68  68  HOH HOH B . 
D 2 HOH 18 73  73  HOH HOH B . 
D 2 HOH 19 75  75  HOH HOH B . 
D 2 HOH 20 76  76  HOH HOH B . 
D 2 HOH 21 77  77  HOH HOH B . 
D 2 HOH 22 79  79  HOH HOH B . 
D 2 HOH 23 81  81  HOH HOH B . 
D 2 HOH 24 82  82  HOH HOH B . 
D 2 HOH 25 83  83  HOH HOH B . 
D 2 HOH 26 84  84  HOH HOH B . 
D 2 HOH 27 85  85  HOH HOH B . 
D 2 HOH 28 87  87  HOH HOH B . 
D 2 HOH 29 88  88  HOH HOH B . 
D 2 HOH 30 89  89  HOH HOH B . 
D 2 HOH 31 91  91  HOH HOH B . 
D 2 HOH 32 92  92  HOH HOH B . 
D 2 HOH 33 94  94  HOH HOH B . 
D 2 HOH 34 97  97  HOH HOH B . 
D 2 HOH 35 99  99  HOH HOH B . 
D 2 HOH 36 100 100 HOH HOH B . 
D 2 HOH 37 103 103 HOH HOH B . 
D 2 HOH 38 106 106 HOH HOH B . 
D 2 HOH 39 107 107 HOH HOH B . 
D 2 HOH 40 108 108 HOH HOH B . 
D 2 HOH 41 111 111 HOH HOH B . 
D 2 HOH 42 113 113 HOH HOH B . 
D 2 HOH 43 116 116 HOH HOH B . 
D 2 HOH 44 117 117 HOH HOH B . 
# 
_software.name             NUCLSQ 
_software.classification   refinement 
_software.version          . 
_software.citation_id      ? 
_software.pdbx_ordinal     1 
# 
_cell.entry_id           1RNA 
_cell.length_a           34.110 
_cell.length_b           44.610 
_cell.length_c           49.110 
_cell.angle_alpha        90.00 
_cell.angle_beta         90.00 
_cell.angle_gamma        90.00 
_cell.Z_PDB              8 
_cell.pdbx_unique_axis   ? 
# 
_symmetry.entry_id                         1RNA 
_symmetry.space_group_name_H-M             'P 21 21 21' 
_symmetry.pdbx_full_space_group_name_H-M   ? 
_symmetry.cell_setting                     ? 
_symmetry.Int_Tables_number                19 
# 
_exptl.entry_id          1RNA 
_exptl.method            'X-RAY DIFFRACTION' 
_exptl.crystals_number   ? 
# 
_exptl_crystal.id                    1 
_exptl_crystal.density_meas          ? 
_exptl_crystal.density_Matthews      2.12 
_exptl_crystal.density_percent_sol   42.03 
_exptl_crystal.description           ? 
# 
_exptl_crystal_grow.crystal_id      1 
_exptl_crystal_grow.method          'VAPOR DIFFUSION, HANGING DROP' 
_exptl_crystal_grow.temp            308.00 
_exptl_crystal_grow.temp_details    ? 
_exptl_crystal_grow.pH              6.50 
_exptl_crystal_grow.pdbx_details    'pH 6.50, VAPOR DIFFUSION, HANGING DROP, temperature 308.00K' 
_exptl_crystal_grow.pdbx_pH_range   ? 
# 
loop_
_exptl_crystal_grow_comp.crystal_id 
_exptl_crystal_grow_comp.id 
_exptl_crystal_grow_comp.sol_id 
_exptl_crystal_grow_comp.name 
_exptl_crystal_grow_comp.volume 
_exptl_crystal_grow_comp.conc 
_exptl_crystal_grow_comp.details 
1 1 1 WATER           ? ? ? 
1 2 1 MPD             ? ? ? 
1 3 1 'NA CACODYLATE' ? ? ? 
1 4 1 SPERMINE        ? ? ? 
1 5 1 MG2+            ? ? ? 
1 6 2 WATER           ? ? ? 
1 7 2 MPD             ? ? ? 
# 
_diffrn.id                     1 
_diffrn.ambient_temp           291.00 
_diffrn.ambient_temp_details   ? 
_diffrn.crystal_id             1 
# 
_diffrn_detector.diffrn_id              1 
_diffrn_detector.detector               DIFFRACTOMETER 
_diffrn_detector.type                   'ENRAF-NONIUS CAD4' 
_diffrn_detector.pdbx_collection_date   ? 
_diffrn_detector.details                ? 
# 
_diffrn_radiation.diffrn_id                        1 
_diffrn_radiation.wavelength_id                    1 
_diffrn_radiation.pdbx_monochromatic_or_laue_m_l   ? 
_diffrn_radiation.monochromator                    ? 
_diffrn_radiation.pdbx_diffrn_protocol             ? 
_diffrn_radiation.pdbx_scattering_type             x-ray 
# 
_diffrn_radiation_wavelength.id           1 
_diffrn_radiation_wavelength.wavelength   . 
_diffrn_radiation_wavelength.wt           1.0 
# 
_diffrn_source.diffrn_id                   1 
_diffrn_source.source                      ? 
_diffrn_source.type                        ? 
_diffrn_source.pdbx_synchrotron_site       ? 
_diffrn_source.pdbx_synchrotron_beamline   ? 
_diffrn_source.pdbx_wavelength             ? 
_diffrn_source.pdbx_wavelength_list        ? 
# 
_reflns.entry_id                     1RNA 
_reflns.observed_criterion_sigma_I   ? 
_reflns.observed_criterion_sigma_F   2.000 
_reflns.d_resolution_low             25.000 
_reflns.d_resolution_high            2.250 
_reflns.number_obs                   2492 
_reflns.number_all                   4924 
_reflns.percent_possible_obs         ? 
_reflns.pdbx_Rmerge_I_obs            ? 
_reflns.pdbx_Rsym_value              ? 
_reflns.pdbx_netI_over_sigmaI        ? 
_reflns.B_iso_Wilson_estimate        ? 
_reflns.pdbx_redundancy              ? 
_reflns.pdbx_diffrn_id               1 
_reflns.pdbx_ordinal                 1 
# 
_refine.entry_id                                 1RNA 
_refine.ls_number_reflns_obs                     2437 
_refine.ls_number_reflns_all                     ? 
_refine.pdbx_ls_sigma_I                          ? 
_refine.pdbx_ls_sigma_F                          2.000 
_refine.pdbx_data_cutoff_high_absF               ? 
_refine.pdbx_data_cutoff_low_absF                ? 
_refine.pdbx_data_cutoff_high_rms_absF           ? 
_refine.ls_d_res_low                             10.000 
_refine.ls_d_res_high                            2.250 
_refine.ls_percent_reflns_obs                    ? 
_refine.ls_R_factor_obs                          0.1310000 
_refine.ls_R_factor_all                          ? 
_refine.ls_R_factor_R_work                       ? 
_refine.ls_R_factor_R_free                       ? 
_refine.ls_R_factor_R_free_error                 ? 
_refine.ls_R_factor_R_free_error_details         ? 
_refine.ls_percent_reflns_R_free                 ? 
_refine.ls_number_reflns_R_free                  ? 
_refine.ls_number_parameters                     ? 
_refine.ls_number_restraints                     ? 
_refine.occupancy_min                            0.51 
_refine.occupancy_max                            1.00 
_refine.B_iso_mean                               ? 
_refine.aniso_B[1][1]                            ? 
_refine.aniso_B[2][2]                            ? 
_refine.aniso_B[3][3]                            ? 
_refine.aniso_B[1][2]                            ? 
_refine.aniso_B[1][3]                            ? 
_refine.aniso_B[2][3]                            ? 
_refine.solvent_model_details                    ? 
_refine.solvent_model_param_ksol                 ? 
_refine.solvent_model_param_bsol                 ? 
_refine.pdbx_ls_cross_valid_method               ? 
_refine.details                                  ? 
_refine.pdbx_starting_model                      ? 
_refine.pdbx_method_to_determine_struct          ? 
_refine.pdbx_isotropic_thermal_model             ? 
_refine.pdbx_stereochemistry_target_values       ? 
_refine.pdbx_stereochem_target_val_spec_case     ? 
_refine.pdbx_R_Free_selection_details            ? 
_refine.pdbx_overall_ESU_R                       ? 
_refine.pdbx_overall_ESU_R_Free                  ? 
_refine.overall_SU_ML                            ? 
_refine.overall_SU_B                             ? 
_refine.pdbx_refine_id                           'X-RAY DIFFRACTION' 
_refine.pdbx_diffrn_id                           1 
_refine.pdbx_TLS_residual_ADP_flag               ? 
_refine.correlation_coeff_Fo_to_Fc               ? 
_refine.correlation_coeff_Fo_to_Fc_free          ? 
_refine.pdbx_solvent_vdw_probe_radii             ? 
_refine.pdbx_solvent_ion_probe_radii             ? 
_refine.pdbx_solvent_shrinkage_radii             ? 
_refine.pdbx_overall_phase_error                 ? 
_refine.overall_SU_R_Cruickshank_DPI             ? 
_refine.pdbx_overall_SU_R_free_Cruickshank_DPI   ? 
_refine.pdbx_overall_SU_R_Blow_DPI               ? 
_refine.pdbx_overall_SU_R_free_Blow_DPI          ? 
# 
_refine_hist.pdbx_refine_id                   'X-RAY DIFFRACTION' 
_refine_hist.cycle_id                         LAST 
_refine_hist.pdbx_number_atoms_protein        0 
_refine_hist.pdbx_number_atoms_nucleic_acid   582 
_refine_hist.pdbx_number_atoms_ligand         0 
_refine_hist.number_atoms_solvent             91 
_refine_hist.number_atoms_total               673 
_refine_hist.d_res_high                       2.250 
_refine_hist.d_res_low                        10.000 
# 
loop_
_refine_ls_restr.type 
_refine_ls_restr.dev_ideal 
_refine_ls_restr.dev_ideal_target 
_refine_ls_restr.weight 
_refine_ls_restr.number 
_refine_ls_restr.pdbx_refine_id 
_refine_ls_restr.pdbx_restraint_function 
n_bond_d               0.004 0.010 ? ? 'X-RAY DIFFRACTION' ? 
n_angle_d              0.035 0.050 ? ? 'X-RAY DIFFRACTION' ? 
n_planar_d             ?     ?     ? ? 'X-RAY DIFFRACTION' ? 
n_hb_or_metal_coord    ?     ?     ? ? 'X-RAY DIFFRACTION' ? 
n_sugar_bond_it        3.490 7.500 ? ? 'X-RAY DIFFRACTION' ? 
n_sugar_angle_it       4.300 7.500 ? ? 'X-RAY DIFFRACTION' ? 
n_phos_bond_it         5.020 7.500 ? ? 'X-RAY DIFFRACTION' ? 
n_phos_angle_it        4.550 7.500 ? ? 'X-RAY DIFFRACTION' ? 
n_bond_angle_restr     ?     ?     ? ? 'X-RAY DIFFRACTION' ? 
n_dihedral_angle_restr ?     ?     ? ? 'X-RAY DIFFRACTION' ? 
n_impr_tor             ?     ?     ? ? 'X-RAY DIFFRACTION' ? 
n_sugar_bond_d         ?     ?     ? ? 'X-RAY DIFFRACTION' ? 
n_sugar_bond_angle_d   ?     ?     ? ? 'X-RAY DIFFRACTION' ? 
n_phos_bond_d          ?     ?     ? ? 'X-RAY DIFFRACTION' ? 
n_phos_bond_angle_d    ?     ?     ? ? 'X-RAY DIFFRACTION' ? 
n_plane_restr          0.017 0.030 ? ? 'X-RAY DIFFRACTION' ? 
n_chiral_restr         0.077 0.100 ? ? 'X-RAY DIFFRACTION' ? 
n_singtor_nbd          0.139 0.250 ? ? 'X-RAY DIFFRACTION' ? 
n_multtor_nbd          0.168 0.250 ? ? 'X-RAY DIFFRACTION' ? 
n_xhyhbond_nbd         ?     ?     ? ? 'X-RAY DIFFRACTION' ? 
# 
_struct.entry_id                  1RNA 
_struct.title                     'CRYSTALLOGRAPHIC STRUCTURE OF AN RNA HELIX: [U(U-A)6A]2' 
_struct.pdbx_model_details        ? 
_struct.pdbx_CASP_flag            ? 
_struct.pdbx_model_type_details   ? 
# 
_struct_keywords.entry_id        1RNA 
_struct_keywords.pdbx_keywords   RNA 
_struct_keywords.text            'A-RNA, DOUBLE HELIX, RNA' 
# 
loop_
_struct_asym.id 
_struct_asym.pdbx_blank_PDB_chainid_flag 
_struct_asym.pdbx_modified 
_struct_asym.entity_id 
_struct_asym.details 
A N N 1 ? 
B N N 1 ? 
C N N 2 ? 
D N N 2 ? 
# 
_struct_ref.id                         1 
_struct_ref.entity_id                  1 
_struct_ref.db_name                    PDB 
_struct_ref.db_code                    1RNA 
_struct_ref.pdbx_db_accession          1RNA 
_struct_ref.pdbx_db_isoform            ? 
_struct_ref.pdbx_seq_one_letter_code   ? 
_struct_ref.pdbx_align_begin           ? 
# 
loop_
_struct_ref_seq.align_id 
_struct_ref_seq.ref_id 
_struct_ref_seq.pdbx_PDB_id_code 
_struct_ref_seq.pdbx_strand_id 
_struct_ref_seq.seq_align_beg 
_struct_ref_seq.pdbx_seq_align_beg_ins_code 
_struct_ref_seq.seq_align_end 
_struct_ref_seq.pdbx_seq_align_end_ins_code 
_struct_ref_seq.pdbx_db_accession 
_struct_ref_seq.db_align_beg 
_struct_ref_seq.pdbx_db_align_beg_ins_code 
_struct_ref_seq.db_align_end 
_struct_ref_seq.pdbx_db_align_end_ins_code 
_struct_ref_seq.pdbx_auth_seq_align_beg 
_struct_ref_seq.pdbx_auth_seq_align_end 
1 1 1RNA A 1 ? 14 ? 1RNA 1  ? 14 ? 1  14 
2 1 1RNA B 1 ? 14 ? 1RNA 15 ? 28 ? 15 28 
# 
_pdbx_struct_assembly.id                   1 
_pdbx_struct_assembly.details              author_defined_assembly 
_pdbx_struct_assembly.method_details       ? 
_pdbx_struct_assembly.oligomeric_details   dimeric 
_pdbx_struct_assembly.oligomeric_count     2 
# 
_pdbx_struct_assembly_gen.assembly_id       1 
_pdbx_struct_assembly_gen.oper_expression   1 
_pdbx_struct_assembly_gen.asym_id_list      A,B,C,D 
# 
_pdbx_struct_oper_list.id                   1 
_pdbx_struct_oper_list.type                 'identity operation' 
_pdbx_struct_oper_list.name                 1_555 
_pdbx_struct_oper_list.symmetry_operation   x,y,z 
_pdbx_struct_oper_list.matrix[1][1]         1.0000000000 
_pdbx_struct_oper_list.matrix[1][2]         0.0000000000 
_pdbx_struct_oper_list.matrix[1][3]         0.0000000000 
_pdbx_struct_oper_list.vector[1]            0.0000000000 
_pdbx_struct_oper_list.matrix[2][1]         0.0000000000 
_pdbx_struct_oper_list.matrix[2][2]         1.0000000000 
_pdbx_struct_oper_list.matrix[2][3]         0.0000000000 
_pdbx_struct_oper_list.vector[2]            0.0000000000 
_pdbx_struct_oper_list.matrix[3][1]         0.0000000000 
_pdbx_struct_oper_list.matrix[3][2]         0.0000000000 
_pdbx_struct_oper_list.matrix[3][3]         1.0000000000 
_pdbx_struct_oper_list.vector[3]            0.0000000000 
# 
_struct_biol.id   1 
# 
loop_
_struct_conn.id 
_struct_conn.conn_type_id 
_struct_conn.pdbx_leaving_atom_flag 
_struct_conn.pdbx_PDB_id 
_struct_conn.ptnr1_label_asym_id 
_struct_conn.ptnr1_label_comp_id 
_struct_conn.ptnr1_label_seq_id 
_struct_conn.ptnr1_label_atom_id 
_struct_conn.pdbx_ptnr1_label_alt_id 
_struct_conn.pdbx_ptnr1_PDB_ins_code 
_struct_conn.pdbx_ptnr1_standard_comp_id 
_struct_conn.ptnr1_symmetry 
_struct_conn.ptnr2_label_asym_id 
_struct_conn.ptnr2_label_comp_id 
_struct_conn.ptnr2_label_seq_id 
_struct_conn.ptnr2_label_atom_id 
_struct_conn.pdbx_ptnr2_label_alt_id 
_struct_conn.pdbx_ptnr2_PDB_ins_code 
_struct_conn.ptnr1_auth_asym_id 
_struct_conn.ptnr1_auth_comp_id 
_struct_conn.ptnr1_auth_seq_id 
_struct_conn.ptnr2_auth_asym_id 
_struct_conn.ptnr2_auth_comp_id 
_struct_conn.ptnr2_auth_seq_id 
_struct_conn.ptnr2_symmetry 
_struct_conn.pdbx_ptnr3_label_atom_id 
_struct_conn.pdbx_ptnr3_label_seq_id 
_struct_conn.pdbx_ptnr3_label_comp_id 
_struct_conn.pdbx_ptnr3_label_asym_id 
_struct_conn.pdbx_ptnr3_label_alt_id 
_struct_conn.pdbx_ptnr3_PDB_ins_code 
_struct_conn.details 
_struct_conn.pdbx_dist_value 
_struct_conn.pdbx_value_order 
_struct_conn.pdbx_role 
hydrog1  hydrog ? ? A U 1  N3 ? ? ? 1_555 B A 14 N1 ? ? A U 1  B A 28 1_555 ? ? ? ? ? ? WATSON-CRICK ? ? ? 
hydrog2  hydrog ? ? A U 1  O4 ? ? ? 1_555 B A 14 N6 ? ? A U 1  B A 28 1_555 ? ? ? ? ? ? WATSON-CRICK ? ? ? 
hydrog3  hydrog ? ? A U 2  N3 ? ? ? 1_555 B A 13 N1 ? ? A U 2  B A 27 1_555 ? ? ? ? ? ? WATSON-CRICK ? ? ? 
hydrog4  hydrog ? ? A U 2  O4 ? ? ? 1_555 B A 13 N6 ? ? A U 2  B A 27 1_555 ? ? ? ? ? ? WATSON-CRICK ? ? ? 
hydrog5  hydrog ? ? A A 3  N1 ? ? ? 1_555 B U 12 N3 ? ? A A 3  B U 26 1_555 ? ? ? ? ? ? WATSON-CRICK ? ? ? 
hydrog6  hydrog ? ? A A 3  N6 ? ? ? 1_555 B U 12 O4 ? ? A A 3  B U 26 1_555 ? ? ? ? ? ? WATSON-CRICK ? ? ? 
hydrog7  hydrog ? ? A U 4  N3 ? ? ? 1_555 B A 11 N1 ? ? A U 4  B A 25 1_555 ? ? ? ? ? ? WATSON-CRICK ? ? ? 
hydrog8  hydrog ? ? A U 4  O4 ? ? ? 1_555 B A 11 N6 ? ? A U 4  B A 25 1_555 ? ? ? ? ? ? WATSON-CRICK ? ? ? 
hydrog9  hydrog ? ? A A 5  N1 ? ? ? 1_555 B U 10 N3 ? ? A A 5  B U 24 1_555 ? ? ? ? ? ? WATSON-CRICK ? ? ? 
hydrog10 hydrog ? ? A A 5  N6 ? ? ? 1_555 B U 10 O4 ? ? A A 5  B U 24 1_555 ? ? ? ? ? ? WATSON-CRICK ? ? ? 
hydrog11 hydrog ? ? A U 6  N3 ? ? ? 1_555 B A 9  N1 ? ? A U 6  B A 23 1_555 ? ? ? ? ? ? WATSON-CRICK ? ? ? 
hydrog12 hydrog ? ? A U 6  O4 ? ? ? 1_555 B A 9  N6 ? ? A U 6  B A 23 1_555 ? ? ? ? ? ? WATSON-CRICK ? ? ? 
hydrog13 hydrog ? ? A A 7  N1 ? ? ? 1_555 B U 8  N3 ? ? A A 7  B U 22 1_555 ? ? ? ? ? ? WATSON-CRICK ? ? ? 
hydrog14 hydrog ? ? A A 7  N6 ? ? ? 1_555 B U 8  O4 ? ? A A 7  B U 22 1_555 ? ? ? ? ? ? WATSON-CRICK ? ? ? 
hydrog15 hydrog ? ? A U 8  N3 ? ? ? 1_555 B A 7  N1 ? ? A U 8  B A 21 1_555 ? ? ? ? ? ? WATSON-CRICK ? ? ? 
hydrog16 hydrog ? ? A U 8  O4 ? ? ? 1_555 B A 7  N6 ? ? A U 8  B A 21 1_555 ? ? ? ? ? ? WATSON-CRICK ? ? ? 
hydrog17 hydrog ? ? A A 9  N1 ? ? ? 1_555 B U 6  N3 ? ? A A 9  B U 20 1_555 ? ? ? ? ? ? WATSON-CRICK ? ? ? 
hydrog18 hydrog ? ? A A 9  N6 ? ? ? 1_555 B U 6  O4 ? ? A A 9  B U 20 1_555 ? ? ? ? ? ? WATSON-CRICK ? ? ? 
hydrog19 hydrog ? ? A U 10 N3 ? ? ? 1_555 B A 5  N1 ? ? A U 10 B A 19 1_555 ? ? ? ? ? ? WATSON-CRICK ? ? ? 
hydrog20 hydrog ? ? A U 10 O4 ? ? ? 1_555 B A 5  N6 ? ? A U 10 B A 19 1_555 ? ? ? ? ? ? WATSON-CRICK ? ? ? 
hydrog21 hydrog ? ? A A 11 N1 ? ? ? 1_555 B U 4  N3 ? ? A A 11 B U 18 1_555 ? ? ? ? ? ? WATSON-CRICK ? ? ? 
hydrog22 hydrog ? ? A A 11 N6 ? ? ? 1_555 B U 4  O4 ? ? A A 11 B U 18 1_555 ? ? ? ? ? ? WATSON-CRICK ? ? ? 
hydrog23 hydrog ? ? A U 12 N3 ? ? ? 1_555 B A 3  N1 ? ? A U 12 B A 17 1_555 ? ? ? ? ? ? WATSON-CRICK ? ? ? 
hydrog24 hydrog ? ? A U 12 O4 ? ? ? 1_555 B A 3  N6 ? ? A U 12 B A 17 1_555 ? ? ? ? ? ? WATSON-CRICK ? ? ? 
hydrog25 hydrog ? ? A A 13 N1 ? ? ? 1_555 B U 2  N3 ? ? A A 13 B U 16 1_555 ? ? ? ? ? ? WATSON-CRICK ? ? ? 
hydrog26 hydrog ? ? A A 13 N6 ? ? ? 1_555 B U 2  O4 ? ? A A 13 B U 16 1_555 ? ? ? ? ? ? WATSON-CRICK ? ? ? 
hydrog27 hydrog ? ? A A 14 N1 ? ? ? 1_555 B U 1  N3 ? ? A A 14 B U 15 1_555 ? ? ? ? ? ? WATSON-CRICK ? ? ? 
hydrog28 hydrog ? ? A A 14 N6 ? ? ? 1_555 B U 1  O4 ? ? A A 14 B U 15 1_555 ? ? ? ? ? ? WATSON-CRICK ? ? ? 
# 
_struct_conn_type.id          hydrog 
_struct_conn_type.criteria    ? 
_struct_conn_type.reference   ? 
# 
loop_
_pdbx_validate_rmsd_bond.id 
_pdbx_validate_rmsd_bond.PDB_model_num 
_pdbx_validate_rmsd_bond.auth_atom_id_1 
_pdbx_validate_rmsd_bond.auth_asym_id_1 
_pdbx_validate_rmsd_bond.auth_comp_id_1 
_pdbx_validate_rmsd_bond.auth_seq_id_1 
_pdbx_validate_rmsd_bond.PDB_ins_code_1 
_pdbx_validate_rmsd_bond.label_alt_id_1 
_pdbx_validate_rmsd_bond.auth_atom_id_2 
_pdbx_validate_rmsd_bond.auth_asym_id_2 
_pdbx_validate_rmsd_bond.auth_comp_id_2 
_pdbx_validate_rmsd_bond.auth_seq_id_2 
_pdbx_validate_rmsd_bond.PDB_ins_code_2 
_pdbx_validate_rmsd_bond.label_alt_id_2 
_pdbx_validate_rmsd_bond.bond_value 
_pdbx_validate_rmsd_bond.bond_target_value 
_pdbx_validate_rmsd_bond.bond_deviation 
_pdbx_validate_rmsd_bond.bond_standard_deviation 
_pdbx_validate_rmsd_bond.linker_flag 
1 1 P     A U 4  ? ? "O5'" A U 4  ? ? 1.505 1.593 -0.088 0.010 N 
2 1 P     A A 5  ? ? "O5'" A A 5  ? ? 1.523 1.593 -0.070 0.010 N 
3 1 "O3'" A A 7  ? ? P     A U 8  ? ? 1.533 1.607 -0.074 0.012 Y 
4 1 "O3'" A A 9  ? ? P     A U 10 ? ? 1.487 1.607 -0.120 0.012 Y 
5 1 P     B U 20 ? ? "O5'" B U 20 ? ? 1.518 1.593 -0.075 0.010 N 
6 1 P     B A 27 ? ? "O5'" B A 27 ? ? 1.658 1.593 0.065  0.010 N 
# 
loop_
_pdbx_validate_rmsd_angle.id 
_pdbx_validate_rmsd_angle.PDB_model_num 
_pdbx_validate_rmsd_angle.auth_atom_id_1 
_pdbx_validate_rmsd_angle.auth_asym_id_1 
_pdbx_validate_rmsd_angle.auth_comp_id_1 
_pdbx_validate_rmsd_angle.auth_seq_id_1 
_pdbx_validate_rmsd_angle.PDB_ins_code_1 
_pdbx_validate_rmsd_angle.label_alt_id_1 
_pdbx_validate_rmsd_angle.auth_atom_id_2 
_pdbx_validate_rmsd_angle.auth_asym_id_2 
_pdbx_validate_rmsd_angle.auth_comp_id_2 
_pdbx_validate_rmsd_angle.auth_seq_id_2 
_pdbx_validate_rmsd_angle.PDB_ins_code_2 
_pdbx_validate_rmsd_angle.label_alt_id_2 
_pdbx_validate_rmsd_angle.auth_atom_id_3 
_pdbx_validate_rmsd_angle.auth_asym_id_3 
_pdbx_validate_rmsd_angle.auth_comp_id_3 
_pdbx_validate_rmsd_angle.auth_seq_id_3 
_pdbx_validate_rmsd_angle.PDB_ins_code_3 
_pdbx_validate_rmsd_angle.label_alt_id_3 
_pdbx_validate_rmsd_angle.angle_value 
_pdbx_validate_rmsd_angle.angle_target_value 
_pdbx_validate_rmsd_angle.angle_deviation 
_pdbx_validate_rmsd_angle.angle_standard_deviation 
_pdbx_validate_rmsd_angle.linker_flag 
1   1 "O4'" A U 1  ? ? "C1'" A U 1  ? ? N1    A U 1  ? ? 100.68 108.20 -7.52  0.80 N 
2   1 C2    A U 1  ? ? N3    A U 1  ? ? C4    A U 1  ? ? 123.24 127.00 -3.76  0.60 N 
3   1 N3    A U 1  ? ? C4    A U 1  ? ? C5    A U 1  ? ? 118.43 114.60 3.83   0.60 N 
4   1 "O5'" A U 2  ? ? "C5'" A U 2  ? ? "C4'" A U 2  ? ? 104.44 109.40 -4.96  0.80 N 
5   1 N3    A U 2  ? ? C4    A U 2  ? ? C5    A U 2  ? ? 119.68 114.60 5.08   0.60 N 
6   1 N3    A U 2  ? ? C4    A U 2  ? ? O4    A U 2  ? ? 113.12 119.40 -6.28  0.70 N 
7   1 "O5'" A A 3  ? ? P     A A 3  ? ? OP1   A A 3  ? ? 121.60 110.70 10.90  1.20 N 
8   1 N1    A A 3  ? ? C2    A A 3  ? ? N3    A A 3  ? ? 125.19 129.30 -4.11  0.50 N 
9   1 P     A U 4  ? ? "O5'" A U 4  ? ? "C5'" A U 4  ? ? 131.34 120.90 10.44  1.60 N 
10  1 C2    A U 4  ? ? N3    A U 4  ? ? C4    A U 4  ? ? 123.20 127.00 -3.80  0.60 N 
11  1 N3    A U 4  ? ? C4    A U 4  ? ? C5    A U 4  ? ? 118.49 114.60 3.89   0.60 N 
12  1 P     A A 5  ? ? "O5'" A A 5  ? ? "C5'" A A 5  ? ? 131.20 120.90 10.30  1.60 N 
13  1 C5    A A 5  ? ? C6    A A 5  ? ? N1    A A 5  ? ? 114.45 117.70 -3.25  0.50 N 
14  1 N1    A A 5  ? ? C6    A A 5  ? ? N6    A A 5  ? ? 123.90 118.60 5.30   0.60 N 
15  1 C2    A U 6  ? ? N3    A U 6  ? ? C4    A U 6  ? ? 122.63 127.00 -4.37  0.60 N 
16  1 N3    A U 6  ? ? C4    A U 6  ? ? C5    A U 6  ? ? 119.52 114.60 4.92   0.60 N 
17  1 N3    A U 6  ? ? C4    A U 6  ? ? O4    A U 6  ? ? 114.27 119.40 -5.13  0.70 N 
18  1 "O5'" A A 7  ? ? P     A A 7  ? ? OP2   A A 7  ? ? 122.00 110.70 11.30  1.20 N 
19  1 "O5'" A A 7  ? ? "C5'" A A 7  ? ? "C4'" A A 7  ? ? 103.68 109.40 -5.72  0.80 N 
20  1 P     A A 7  ? ? "O5'" A A 7  ? ? "C5'" A A 7  ? ? 105.55 120.90 -15.35 1.60 N 
21  1 N1    A A 7  ? ? C2    A A 7  ? ? N3    A A 7  ? ? 125.85 129.30 -3.45  0.50 N 
22  1 "O5'" A U 8  ? ? "C5'" A U 8  ? ? "C4'" A U 8  ? ? 101.32 109.40 -8.08  0.80 N 
23  1 C2    A U 8  ? ? N3    A U 8  ? ? C4    A U 8  ? ? 123.28 127.00 -3.72  0.60 N 
24  1 N3    A U 8  ? ? C4    A U 8  ? ? C5    A U 8  ? ? 118.23 114.60 3.63   0.60 N 
25  1 C5    A U 8  ? ? C4    A U 8  ? ? O4    A U 8  ? ? 122.06 125.90 -3.84  0.60 N 
26  1 "C3'" A U 8  ? ? "O3'" A U 8  ? ? P     A A 9  ? ? 107.90 119.70 -11.80 1.20 Y 
27  1 "O5'" A A 9  ? ? "C5'" A A 9  ? ? "C4'" A A 9  ? ? 101.43 109.40 -7.97  0.80 N 
28  1 "O4'" A A 9  ? ? "C1'" A A 9  ? ? N9    A A 9  ? ? 113.61 108.50 5.11   0.70 N 
29  1 C6    A A 9  ? ? N1    A A 9  ? ? C2    A A 9  ? ? 122.38 118.60 3.78   0.60 N 
30  1 N1    A A 9  ? ? C2    A A 9  ? ? N3    A A 9  ? ? 125.48 129.30 -3.82  0.50 N 
31  1 C5    A A 9  ? ? C6    A A 9  ? ? N1    A A 9  ? ? 114.37 117.70 -3.33  0.50 N 
32  1 "C3'" A A 9  ? ? "O3'" A A 9  ? ? P     A U 10 ? ? 129.40 119.70 9.70   1.20 Y 
33  1 "O3'" A A 9  ? ? P     A U 10 ? ? OP1   A U 10 ? ? 121.24 110.50 10.74  1.10 Y 
34  1 OP1   A U 10 ? ? P     A U 10 ? ? OP2   A U 10 ? ? 106.58 119.60 -13.02 1.50 N 
35  1 N3    A U 10 ? ? C4    A U 10 ? ? C5    A U 10 ? ? 119.72 114.60 5.12   0.60 N 
36  1 C4    A U 10 ? ? C5    A U 10 ? ? C6    A U 10 ? ? 115.59 119.70 -4.11  0.60 N 
37  1 C5    A U 10 ? ? C4    A U 10 ? ? O4    A U 10 ? ? 121.16 125.90 -4.74  0.60 N 
38  1 "O5'" A A 11 ? ? "C5'" A A 11 ? ? "C4'" A A 11 ? ? 96.97  109.40 -12.43 0.80 N 
39  1 P     A A 11 ? ? "O5'" A A 11 ? ? "C5'" A A 11 ? ? 130.98 120.90 10.08  1.60 N 
40  1 "C5'" A A 11 ? ? "C4'" A A 11 ? ? "O4'" A A 11 ? ? 100.75 109.10 -8.35  1.20 N 
41  1 C5    A A 11 ? ? C6    A A 11 ? ? N1    A A 11 ? ? 114.43 117.70 -3.27  0.50 N 
42  1 C8    A A 11 ? ? N9    A A 11 ? ? C4    A A 11 ? ? 108.35 105.80 2.55   0.40 N 
43  1 N1    A A 11 ? ? C6    A A 11 ? ? N6    A A 11 ? ? 122.93 118.60 4.33   0.60 N 
44  1 "O5'" A U 12 ? ? "C5'" A U 12 ? ? "C4'" A U 12 ? ? 103.93 109.40 -5.47  0.80 N 
45  1 "O4'" A U 12 ? ? "C1'" A U 12 ? ? N1    A U 12 ? ? 112.72 108.50 4.22   0.70 N 
46  1 N3    A U 12 ? ? C4    A U 12 ? ? C5    A U 12 ? ? 118.68 114.60 4.08   0.60 N 
47  1 N1    A U 12 ? ? C2    A U 12 ? ? O2    A U 12 ? ? 117.17 122.80 -5.63  0.70 N 
48  1 C5    A U 12 ? ? C4    A U 12 ? ? O4    A U 12 ? ? 121.64 125.90 -4.26  0.60 N 
49  1 C6    A A 13 ? ? N1    A A 13 ? ? C2    A A 13 ? ? 123.15 118.60 4.55   0.60 N 
50  1 N1    A A 13 ? ? C2    A A 13 ? ? N3    A A 13 ? ? 125.12 129.30 -4.18  0.50 N 
51  1 C5    A A 13 ? ? C6    A A 13 ? ? N1    A A 13 ? ? 114.14 117.70 -3.56  0.50 N 
52  1 N1    A A 14 ? ? C2    A A 14 ? ? N3    A A 14 ? ? 125.16 129.30 -4.14  0.50 N 
53  1 C2    A A 14 ? ? N3    A A 14 ? ? C4    A A 14 ? ? 114.17 110.60 3.57   0.50 N 
54  1 C2    B U 15 ? ? N3    B U 15 ? ? C4    B U 15 ? ? 123.12 127.00 -3.88  0.60 N 
55  1 N3    B U 15 ? ? C4    B U 15 ? ? C5    B U 15 ? ? 119.24 114.60 4.64   0.60 N 
56  1 C5    B U 15 ? ? C4    B U 15 ? ? O4    B U 15 ? ? 121.73 125.90 -4.17  0.60 N 
57  1 "O5'" B U 16 ? ? P     B U 16 ? ? OP1   B U 16 ? ? 121.93 110.70 11.23  1.20 N 
58  1 N3    B U 16 ? ? C4    B U 16 ? ? C5    B U 16 ? ? 118.94 114.60 4.34   0.60 N 
59  1 N3    B U 16 ? ? C4    B U 16 ? ? O4    B U 16 ? ? 114.20 119.40 -5.20  0.70 N 
60  1 "C3'" B U 16 ? ? "O3'" B U 16 ? ? P     B A 17 ? ? 107.88 119.70 -11.82 1.20 Y 
61  1 "O5'" B A 17 ? ? "C5'" B A 17 ? ? "C4'" B A 17 ? ? 104.41 109.40 -4.99  0.80 N 
62  1 N3    B U 18 ? ? C4    B U 18 ? ? C5    B U 18 ? ? 118.74 114.60 4.14   0.60 N 
63  1 N3    B U 18 ? ? C4    B U 18 ? ? O4    B U 18 ? ? 113.98 119.40 -5.42  0.70 N 
64  1 "O5'" B A 19 ? ? "C5'" B A 19 ? ? "C4'" B A 19 ? ? 104.49 109.40 -4.91  0.80 N 
65  1 "O4'" B A 19 ? ? "C1'" B A 19 ? ? N9    B A 19 ? ? 114.73 108.50 6.23   0.70 N 
66  1 C6    B A 19 ? ? N1    B A 19 ? ? C2    B A 19 ? ? 124.33 118.60 5.73   0.60 N 
67  1 N1    B A 19 ? ? C2    B A 19 ? ? N3    B A 19 ? ? 124.22 129.30 -5.08  0.50 N 
68  1 C5    B A 19 ? ? C6    B A 19 ? ? N1    B A 19 ? ? 113.55 117.70 -4.15  0.50 N 
69  1 "C3'" B A 19 ? ? "O3'" B A 19 ? ? P     B U 20 ? ? 130.45 119.70 10.75  1.20 Y 
70  1 "O5'" B U 20 ? ? P     B U 20 ? ? OP1   B U 20 ? ? 118.18 110.70 7.48   1.20 N 
71  1 P     B U 20 ? ? "O5'" B U 20 ? ? "C5'" B U 20 ? ? 137.98 120.90 17.08  1.60 N 
72  1 N3    B U 20 ? ? C4    B U 20 ? ? C5    B U 20 ? ? 118.32 114.60 3.72   0.60 N 
73  1 N3    B U 20 ? ? C4    B U 20 ? ? O4    B U 20 ? ? 113.56 119.40 -5.84  0.70 N 
74  1 "O5'" B A 21 ? ? P     B A 21 ? ? OP1   B A 21 ? ? 122.59 110.70 11.89  1.20 N 
75  1 N1    B A 21 ? ? C2    B A 21 ? ? N3    B A 21 ? ? 124.93 129.30 -4.37  0.50 N 
76  1 "O3'" B A 21 ? ? P     B U 22 ? ? OP2   B U 22 ? ? 121.25 110.50 10.75  1.10 Y 
77  1 "O5'" B U 22 ? ? "C5'" B U 22 ? ? "C4'" B U 22 ? ? 99.65  109.40 -9.75  0.80 N 
78  1 P     B U 22 ? ? "O5'" B U 22 ? ? "C5'" B U 22 ? ? 103.74 120.90 -17.16 1.60 N 
79  1 N1    B U 22 ? ? C2    B U 22 ? ? N3    B U 22 ? ? 119.69 114.90 4.79   0.60 N 
80  1 C2    B U 22 ? ? N3    B U 22 ? ? C4    B U 22 ? ? 122.70 127.00 -4.30  0.60 N 
81  1 N1    B U 22 ? ? C2    B U 22 ? ? O2    B U 22 ? ? 116.77 122.80 -6.03  0.70 N 
82  1 "C3'" B U 22 ? ? "O3'" B U 22 ? ? P     B A 23 ? ? 108.38 119.70 -11.32 1.20 Y 
83  1 "O5'" B A 23 ? ? "C5'" B A 23 ? ? "C4'" B A 23 ? ? 103.21 109.40 -6.19  0.80 N 
84  1 N9    B A 23 ? ? "C1'" B A 23 ? ? "C2'" B A 23 ? ? 105.37 112.00 -6.63  1.10 N 
85  1 "O4'" B A 23 ? ? "C1'" B A 23 ? ? N9    B A 23 ? ? 114.78 108.50 6.28   0.70 N 
86  1 C6    B A 23 ? ? N1    B A 23 ? ? C2    B A 23 ? ? 124.06 118.60 5.46   0.60 N 
87  1 N1    B A 23 ? ? C2    B A 23 ? ? N3    B A 23 ? ? 125.66 129.30 -3.64  0.50 N 
88  1 C5    B A 23 ? ? C6    B A 23 ? ? N1    B A 23 ? ? 112.41 117.70 -5.29  0.50 N 
89  1 N1    B A 23 ? ? C6    B A 23 ? ? N6    B A 23 ? ? 123.43 118.60 4.83   0.60 N 
90  1 "C3'" B A 23 ? ? "O3'" B A 23 ? ? P     B U 24 ? ? 129.12 119.70 9.42   1.20 Y 
91  1 "O5'" B U 24 ? ? P     B U 24 ? ? OP1   B U 24 ? ? 118.38 110.70 7.68   1.20 N 
92  1 C4    B U 24 ? ? C5    B U 24 ? ? C6    B U 24 ? ? 115.24 119.70 -4.46  0.60 N 
93  1 C5    B U 24 ? ? C6    B U 24 ? ? N1    B U 24 ? ? 127.00 122.70 4.30   0.50 N 
94  1 N3    B U 24 ? ? C4    B U 24 ? ? O4    B U 24 ? ? 114.62 119.40 -4.78  0.70 N 
95  1 OP1   B A 25 ? ? P     B A 25 ? ? OP2   B A 25 ? ? 110.36 119.60 -9.24  1.50 N 
96  1 "O5'" B A 25 ? ? P     B A 25 ? ? OP2   B A 25 ? ? 123.00 110.70 12.30  1.20 N 
97  1 "O5'" B A 25 ? ? "C5'" B A 25 ? ? "C4'" B A 25 ? ? 102.60 109.40 -6.80  0.80 N 
98  1 "O4'" B A 25 ? ? "C1'" B A 25 ? ? N9    B A 25 ? ? 112.80 108.50 4.30   0.70 N 
99  1 C6    B A 25 ? ? N1    B A 25 ? ? C2    B A 25 ? ? 122.46 118.60 3.86   0.60 N 
100 1 N1    B A 25 ? ? C2    B A 25 ? ? N3    B A 25 ? ? 125.63 129.30 -3.67  0.50 N 
101 1 C5    B A 25 ? ? C6    B A 25 ? ? N1    B A 25 ? ? 114.21 117.70 -3.49  0.50 N 
102 1 OP1   B U 26 ? ? P     B U 26 ? ? OP2   B U 26 ? ? 106.42 119.60 -13.18 1.50 N 
103 1 "O5'" B U 26 ? ? P     B U 26 ? ? OP1   B U 26 ? ? 118.95 110.70 8.25   1.20 N 
104 1 N1    B U 26 ? ? C2    B U 26 ? ? O2    B U 26 ? ? 118.20 122.80 -4.60  0.70 N 
105 1 C5    B U 26 ? ? C4    B U 26 ? ? O4    B U 26 ? ? 120.83 125.90 -5.07  0.60 N 
106 1 "O3'" B U 26 ? ? P     B A 27 ? ? "O5'" B A 27 ? ? 92.03  104.00 -11.97 1.90 Y 
107 1 "O3'" B U 26 ? ? P     B A 27 ? ? OP2   B A 27 ? ? 122.73 110.50 12.23  1.10 Y 
108 1 "O3'" B A 27 ? ? P     B A 28 ? ? OP1   B A 28 ? ? 91.52  105.20 -13.68 2.20 Y 
109 1 "O5'" B A 28 ? ? P     B A 28 ? ? OP2   B A 28 ? ? 120.02 110.70 9.32   1.20 N 
110 1 P     B A 28 ? ? "O5'" B A 28 ? ? "C5'" B A 28 ? ? 130.97 120.90 10.07  1.60 N 
111 1 C6    B A 28 ? ? N1    B A 28 ? ? C2    B A 28 ? ? 122.91 118.60 4.31   0.60 N 
112 1 N1    B A 28 ? ? C2    B A 28 ? ? N3    B A 28 ? ? 125.35 129.30 -3.95  0.50 N 
113 1 C5    B A 28 ? ? C6    B A 28 ? ? N1    B A 28 ? ? 114.12 117.70 -3.58  0.50 N 
# 
loop_
_refine_B_iso.class 
_refine_B_iso.details 
_refine_B_iso.treatment 
_refine_B_iso.pdbx_refine_id 
'ALL ATOMS'  TR isotropic 'X-RAY DIFFRACTION' 
'ALL WATERS' TR isotropic 'X-RAY DIFFRACTION' 
# 
loop_
_refine_occupancy.class 
_refine_occupancy.treatment 
_refine_occupancy.pdbx_refine_id 
'ALL ATOMS'  fix 'X-RAY DIFFRACTION' 
'ALL WATERS' ref 'X-RAY DIFFRACTION' 
# 
loop_
_chem_comp_atom.comp_id 
_chem_comp_atom.atom_id 
_chem_comp_atom.type_symbol 
_chem_comp_atom.pdbx_aromatic_flag 
_chem_comp_atom.pdbx_stereo_config 
_chem_comp_atom.pdbx_ordinal 
A   OP3    O N N 1  
A   P      P N N 2  
A   OP1    O N N 3  
A   OP2    O N N 4  
A   "O5'"  O N N 5  
A   "C5'"  C N N 6  
A   "C4'"  C N R 7  
A   "O4'"  O N N 8  
A   "C3'"  C N S 9  
A   "O3'"  O N N 10 
A   "C2'"  C N R 11 
A   "O2'"  O N N 12 
A   "C1'"  C N R 13 
A   N9     N Y N 14 
A   C8     C Y N 15 
A   N7     N Y N 16 
A   C5     C Y N 17 
A   C6     C Y N 18 
A   N6     N N N 19 
A   N1     N Y N 20 
A   C2     C Y N 21 
A   N3     N Y N 22 
A   C4     C Y N 23 
A   HOP3   H N N 24 
A   HOP2   H N N 25 
A   "H5'"  H N N 26 
A   "H5''" H N N 27 
A   "H4'"  H N N 28 
A   "H3'"  H N N 29 
A   "HO3'" H N N 30 
A   "H2'"  H N N 31 
A   "HO2'" H N N 32 
A   "H1'"  H N N 33 
A   H8     H N N 34 
A   H61    H N N 35 
A   H62    H N N 36 
A   H2     H N N 37 
HOH O      O N N 38 
HOH H1     H N N 39 
HOH H2     H N N 40 
U   OP3    O N N 41 
U   P      P N N 42 
U   OP1    O N N 43 
U   OP2    O N N 44 
U   "O5'"  O N N 45 
U   "C5'"  C N N 46 
U   "C4'"  C N R 47 
U   "O4'"  O N N 48 
U   "C3'"  C N S 49 
U   "O3'"  O N N 50 
U   "C2'"  C N R 51 
U   "O2'"  O N N 52 
U   "C1'"  C N R 53 
U   N1     N N N 54 
U   C2     C N N 55 
U   O2     O N N 56 
U   N3     N N N 57 
U   C4     C N N 58 
U   O4     O N N 59 
U   C5     C N N 60 
U   C6     C N N 61 
U   HOP3   H N N 62 
U   HOP2   H N N 63 
U   "H5'"  H N N 64 
U   "H5''" H N N 65 
U   "H4'"  H N N 66 
U   "H3'"  H N N 67 
U   "HO3'" H N N 68 
U   "H2'"  H N N 69 
U   "HO2'" H N N 70 
U   "H1'"  H N N 71 
U   H3     H N N 72 
U   H5     H N N 73 
U   H6     H N N 74 
# 
loop_
_chem_comp_bond.comp_id 
_chem_comp_bond.atom_id_1 
_chem_comp_bond.atom_id_2 
_chem_comp_bond.value_order 
_chem_comp_bond.pdbx_aromatic_flag 
_chem_comp_bond.pdbx_stereo_config 
_chem_comp_bond.pdbx_ordinal 
A   OP3   P      sing N N 1  
A   OP3   HOP3   sing N N 2  
A   P     OP1    doub N N 3  
A   P     OP2    sing N N 4  
A   P     "O5'"  sing N N 5  
A   OP2   HOP2   sing N N 6  
A   "O5'" "C5'"  sing N N 7  
A   "C5'" "C4'"  sing N N 8  
A   "C5'" "H5'"  sing N N 9  
A   "C5'" "H5''" sing N N 10 
A   "C4'" "O4'"  sing N N 11 
A   "C4'" "C3'"  sing N N 12 
A   "C4'" "H4'"  sing N N 13 
A   "O4'" "C1'"  sing N N 14 
A   "C3'" "O3'"  sing N N 15 
A   "C3'" "C2'"  sing N N 16 
A   "C3'" "H3'"  sing N N 17 
A   "O3'" "HO3'" sing N N 18 
A   "C2'" "O2'"  sing N N 19 
A   "C2'" "C1'"  sing N N 20 
A   "C2'" "H2'"  sing N N 21 
A   "O2'" "HO2'" sing N N 22 
A   "C1'" N9     sing N N 23 
A   "C1'" "H1'"  sing N N 24 
A   N9    C8     sing Y N 25 
A   N9    C4     sing Y N 26 
A   C8    N7     doub Y N 27 
A   C8    H8     sing N N 28 
A   N7    C5     sing Y N 29 
A   C5    C6     sing Y N 30 
A   C5    C4     doub Y N 31 
A   C6    N6     sing N N 32 
A   C6    N1     doub Y N 33 
A   N6    H61    sing N N 34 
A   N6    H62    sing N N 35 
A   N1    C2     sing Y N 36 
A   C2    N3     doub Y N 37 
A   C2    H2     sing N N 38 
A   N3    C4     sing Y N 39 
HOH O     H1     sing N N 40 
HOH O     H2     sing N N 41 
U   OP3   P      sing N N 42 
U   OP3   HOP3   sing N N 43 
U   P     OP1    doub N N 44 
U   P     OP2    sing N N 45 
U   P     "O5'"  sing N N 46 
U   OP2   HOP2   sing N N 47 
U   "O5'" "C5'"  sing N N 48 
U   "C5'" "C4'"  sing N N 49 
U   "C5'" "H5'"  sing N N 50 
U   "C5'" "H5''" sing N N 51 
U   "C4'" "O4'"  sing N N 52 
U   "C4'" "C3'"  sing N N 53 
U   "C4'" "H4'"  sing N N 54 
U   "O4'" "C1'"  sing N N 55 
U   "C3'" "O3'"  sing N N 56 
U   "C3'" "C2'"  sing N N 57 
U   "C3'" "H3'"  sing N N 58 
U   "O3'" "HO3'" sing N N 59 
U   "C2'" "O2'"  sing N N 60 
U   "C2'" "C1'"  sing N N 61 
U   "C2'" "H2'"  sing N N 62 
U   "O2'" "HO2'" sing N N 63 
U   "C1'" N1     sing N N 64 
U   "C1'" "H1'"  sing N N 65 
U   N1    C2     sing N N 66 
U   N1    C6     sing N N 67 
U   C2    O2     doub N N 68 
U   C2    N3     sing N N 69 
U   N3    C4     sing N N 70 
U   N3    H3     sing N N 71 
U   C4    O4     doub N N 72 
U   C4    C5     sing N N 73 
U   C5    C6     doub N N 74 
U   C5    H5     sing N N 75 
U   C6    H6     sing N N 76 
# 
loop_
_ndb_struct_conf_na.entry_id 
_ndb_struct_conf_na.feature 
1RNA 'double helix'        
1RNA 'a-form double helix' 
# 
loop_
_ndb_struct_na_base_pair.model_number 
_ndb_struct_na_base_pair.i_label_asym_id 
_ndb_struct_na_base_pair.i_label_comp_id 
_ndb_struct_na_base_pair.i_label_seq_id 
_ndb_struct_na_base_pair.i_symmetry 
_ndb_struct_na_base_pair.j_label_asym_id 
_ndb_struct_na_base_pair.j_label_comp_id 
_ndb_struct_na_base_pair.j_label_seq_id 
_ndb_struct_na_base_pair.j_symmetry 
_ndb_struct_na_base_pair.shear 
_ndb_struct_na_base_pair.stretch 
_ndb_struct_na_base_pair.stagger 
_ndb_struct_na_base_pair.buckle 
_ndb_struct_na_base_pair.propeller 
_ndb_struct_na_base_pair.opening 
_ndb_struct_na_base_pair.pair_number 
_ndb_struct_na_base_pair.pair_name 
_ndb_struct_na_base_pair.i_auth_asym_id 
_ndb_struct_na_base_pair.i_auth_seq_id 
_ndb_struct_na_base_pair.i_PDB_ins_code 
_ndb_struct_na_base_pair.j_auth_asym_id 
_ndb_struct_na_base_pair.j_auth_seq_id 
_ndb_struct_na_base_pair.j_PDB_ins_code 
_ndb_struct_na_base_pair.hbond_type_28 
_ndb_struct_na_base_pair.hbond_type_12 
1 A U 1  1_555 B A 14 1_555 -0.049 -0.122 0.012  -4.896 -28.802 -0.602 1  A_U1:A28_B  A 1  ? B 28 ? 20 1 
1 A U 2  1_555 B A 13 1_555 0.388  -0.183 0.126  7.500  -15.965 0.653  2  A_U2:A27_B  A 2  ? B 27 ? 20 1 
1 A A 3  1_555 B U 12 1_555 0.134  -0.111 0.149  -3.378 -17.650 -3.062 3  A_A3:U26_B  A 3  ? B 26 ? 20 1 
1 A U 4  1_555 B A 11 1_555 0.265  -0.169 -0.333 10.739 -20.033 3.454  4  A_U4:A25_B  A 4  ? B 25 ? 20 1 
1 A A 5  1_555 B U 10 1_555 -0.719 -0.343 0.349  -1.517 -16.449 0.801  5  A_A5:U24_B  A 5  ? B 24 ? 20 1 
1 A U 6  1_555 B A 9  1_555 0.437  -0.242 -0.025 -0.198 -18.752 2.017  6  A_U6:A23_B  A 6  ? B 23 ? 20 1 
1 A A 7  1_555 B U 8  1_555 0.075  -0.108 0.137  0.213  -18.580 -1.161 7  A_A7:U22_B  A 7  ? B 22 ? 20 1 
1 A U 8  1_555 B A 7  1_555 -0.278 -0.002 -0.289 5.123  -18.947 -3.059 8  A_U8:A21_B  A 8  ? B 21 ? 20 1 
1 A A 9  1_555 B U 6  1_555 -0.489 -0.210 0.141  1.280  -23.694 1.358  9  A_A9:U20_B  A 9  ? B 20 ? 20 1 
1 A U 10 1_555 B A 5  1_555 0.047  -0.156 -0.006 0.859  -17.326 -0.261 10 A_U10:A19_B A 10 ? B 19 ? 20 1 
1 A A 11 1_555 B U 4  1_555 -0.780 -0.309 -0.048 -3.703 -15.985 0.298  11 A_A11:U18_B A 11 ? B 18 ? 20 1 
1 A U 12 1_555 B A 3  1_555 0.033  -0.094 0.070  3.776  -20.801 -4.071 12 A_U12:A17_B A 12 ? B 17 ? 20 1 
1 A A 13 1_555 B U 2  1_555 -0.368 -0.180 -0.402 -8.713 -21.687 4.344  13 A_A13:U16_B A 13 ? B 16 ? 20 1 
1 A A 14 1_555 B U 1  1_555 0.264  -0.107 0.777  10.566 -15.067 -5.718 14 A_A14:U15_B A 14 ? B 15 ? 20 1 
# 
loop_
_ndb_struct_na_base_pair_step.model_number 
_ndb_struct_na_base_pair_step.i_label_asym_id_1 
_ndb_struct_na_base_pair_step.i_label_comp_id_1 
_ndb_struct_na_base_pair_step.i_label_seq_id_1 
_ndb_struct_na_base_pair_step.i_symmetry_1 
_ndb_struct_na_base_pair_step.j_label_asym_id_1 
_ndb_struct_na_base_pair_step.j_label_comp_id_1 
_ndb_struct_na_base_pair_step.j_label_seq_id_1 
_ndb_struct_na_base_pair_step.j_symmetry_1 
_ndb_struct_na_base_pair_step.i_label_asym_id_2 
_ndb_struct_na_base_pair_step.i_label_comp_id_2 
_ndb_struct_na_base_pair_step.i_label_seq_id_2 
_ndb_struct_na_base_pair_step.i_symmetry_2 
_ndb_struct_na_base_pair_step.j_label_asym_id_2 
_ndb_struct_na_base_pair_step.j_label_comp_id_2 
_ndb_struct_na_base_pair_step.j_label_seq_id_2 
_ndb_struct_na_base_pair_step.j_symmetry_2 
_ndb_struct_na_base_pair_step.shift 
_ndb_struct_na_base_pair_step.slide 
_ndb_struct_na_base_pair_step.rise 
_ndb_struct_na_base_pair_step.tilt 
_ndb_struct_na_base_pair_step.roll 
_ndb_struct_na_base_pair_step.twist 
_ndb_struct_na_base_pair_step.x_displacement 
_ndb_struct_na_base_pair_step.y_displacement 
_ndb_struct_na_base_pair_step.helical_rise 
_ndb_struct_na_base_pair_step.inclination 
_ndb_struct_na_base_pair_step.tip 
_ndb_struct_na_base_pair_step.helical_twist 
_ndb_struct_na_base_pair_step.step_number 
_ndb_struct_na_base_pair_step.step_name 
_ndb_struct_na_base_pair_step.i_auth_asym_id_1 
_ndb_struct_na_base_pair_step.i_auth_seq_id_1 
_ndb_struct_na_base_pair_step.i_PDB_ins_code_1 
_ndb_struct_na_base_pair_step.j_auth_asym_id_1 
_ndb_struct_na_base_pair_step.j_auth_seq_id_1 
_ndb_struct_na_base_pair_step.j_PDB_ins_code_1 
_ndb_struct_na_base_pair_step.i_auth_asym_id_2 
_ndb_struct_na_base_pair_step.i_auth_seq_id_2 
_ndb_struct_na_base_pair_step.i_PDB_ins_code_2 
_ndb_struct_na_base_pair_step.j_auth_asym_id_2 
_ndb_struct_na_base_pair_step.j_auth_seq_id_2 
_ndb_struct_na_base_pair_step.j_PDB_ins_code_2 
1 A U 1  1_555 B A 14 1_555 A U 2  1_555 B A 13 1_555 -0.328 -0.569 3.092 -5.485 4.824  34.386 -1.622 -0.229 3.003 8.047  9.149   
35.131 1  AA_U1U2:A27A28_BB   A 1  ? B 28 ? A 2  ? B 27 ? 
1 A U 2  1_555 B A 13 1_555 A A 3  1_555 B U 12 1_555 -0.339 -1.320 3.517 -2.566 12.709 31.406 -4.317 0.167  2.807 22.324 4.507   
33.915 2  AA_U2A3:U26A27_BB   A 2  ? B 27 ? A 3  ? B 26 ? 
1 A A 3  1_555 B U 12 1_555 A U 4  1_555 B A 11 1_555 0.561  -1.172 2.914 5.339  1.655  28.943 -2.620 -0.081 2.898 3.274  -10.558 
29.466 3  AA_A3U4:A25U26_BB   A 3  ? B 26 ? A 4  ? B 25 ? 
1 A U 4  1_555 B A 11 1_555 A A 5  1_555 B U 10 1_555 -0.039 -1.362 3.500 -5.623 13.083 29.999 -4.571 -0.870 2.657 23.671 10.173  
33.137 4  AA_U4A5:U24A25_BB   A 4  ? B 25 ? A 5  ? B 24 ? 
1 A A 5  1_555 B U 10 1_555 A U 6  1_555 B A 9  1_555 -0.232 -1.201 3.267 1.463  6.296  37.676 -2.603 0.532  3.024 9.662  -2.244  
38.207 5  AA_A5U6:A23U24_BB   A 5  ? B 24 ? A 6  ? B 23 ? 
1 A U 6  1_555 B A 9  1_555 A A 7  1_555 B U 8  1_555 -0.203 -1.466 3.168 0.056  10.393 28.505 -4.677 0.398  2.491 20.274 -0.110  
30.304 6  AA_U6A7:U22A23_BB   A 6  ? B 23 ? A 7  ? B 22 ? 
1 A A 7  1_555 B U 8  1_555 A U 8  1_555 B A 7  1_555 -0.243 -1.272 3.206 1.542  13.715 29.393 -4.447 0.680  2.378 25.343 -2.849  
32.407 7  AA_A7U8:A21U22_BB   A 7  ? B 22 ? A 8  ? B 21 ? 
1 A U 8  1_555 B A 7  1_555 A A 9  1_555 B U 6  1_555 0.251  -1.328 3.411 -3.519 16.438 28.909 -4.881 -0.988 2.301 29.945 6.410   
33.350 8  AA_U8A9:U20A21_BB   A 8  ? B 21 ? A 9  ? B 20 ? 
1 A A 9  1_555 B U 6  1_555 A U 10 1_555 B A 5  1_555 -0.044 -1.067 3.337 -0.540 10.533 36.121 -2.998 -0.001 2.923 16.558 0.849   
37.580 9  AA_A9U10:A19U20_BB  A 9  ? B 20 ? A 10 ? B 19 ? 
1 A U 10 1_555 B A 5  1_555 A A 11 1_555 B U 4  1_555 0.899  -1.407 3.377 3.020  14.066 20.748 -7.032 -1.243 2.118 34.245 -7.352  
25.203 10 AA_U10A11:U18A19_BB A 10 ? B 19 ? A 11 ? B 18 ? 
1 A A 11 1_555 B U 4  1_555 A U 12 1_555 B A 3  1_555 -0.472 -1.356 3.109 -1.013 3.472  34.636 -2.759 0.645  2.975 5.812  1.695   
34.819 11 AA_A11U12:A17U18_BB A 11 ? B 18 ? A 12 ? B 17 ? 
1 A U 12 1_555 B A 3  1_555 A A 13 1_555 B U 2  1_555 0.146  -1.503 3.476 0.168  14.771 35.182 -4.137 -0.202 2.657 23.213 -0.264  
38.067 12 AA_U12A13:U16A17_BB A 12 ? B 17 ? A 13 ? B 16 ? 
1 A A 13 1_555 B U 2  1_555 A A 14 1_555 B U 1  1_555 -0.063 -1.188 2.662 -6.607 3.949  35.936 -2.315 -0.620 2.494 6.312  10.559  
36.725 13 AA_A13A14:U15U16_BB A 13 ? B 16 ? A 14 ? B 15 ? 
# 
_atom_sites.entry_id                    1RNA 
_atom_sites.fract_transf_matrix[1][1]   -0.02098849 
_atom_sites.fract_transf_matrix[1][2]   0.01894523 
_atom_sites.fract_transf_matrix[1][3]   -0.00774906 
_atom_sites.fract_transf_matrix[2][1]   -0.01358338 
_atom_sites.fract_transf_matrix[2][2]   -0.01710679 
_atom_sites.fract_transf_matrix[2][3]   -0.00503255 
_atom_sites.fract_transf_matrix[3][1]   -0.00706148 
_atom_sites.fract_transf_matrix[3][2]   -0.00001138 
_atom_sites.fract_transf_matrix[3][3]   0.01909834 
_atom_sites.fract_transf_vector[1]      0.362540 
_atom_sites.fract_transf_vector[2]      0.363894 
_atom_sites.fract_transf_vector[3]      0.141612 
# 
loop_
_atom_type.symbol 
C 
N 
O 
P 
# 
loop_
_atom_site.group_PDB 
_atom_site.id 
_atom_site.type_symbol 
_atom_site.label_atom_id 
_atom_site.label_alt_id 
_atom_site.label_comp_id 
_atom_site.label_asym_id 
_atom_site.label_entity_id 
_atom_site.label_seq_id 
_atom_site.pdbx_PDB_ins_code 
_atom_site.Cartn_x 
_atom_site.Cartn_y 
_atom_site.Cartn_z 
_atom_site.occupancy 
_atom_site.B_iso_or_equiv 
_atom_site.pdbx_formal_charge 
_atom_site.auth_seq_id 
_atom_site.auth_comp_id 
_atom_site.auth_asym_id 
_atom_site.auth_atom_id 
_atom_site.pdbx_PDB_model_num 
ATOM   1   O "O5'" . U   A 1 1  ? -4.030  0.434   16.537  1.00 17.12 ? 1   U   A "O5'" 1 
ATOM   2   C "C5'" . U   A 1 1  ? -3.536  0.957   17.793  1.00 8.66  ? 1   U   A "C5'" 1 
ATOM   3   C "C4'" . U   A 1 1  ? -3.660  2.460   17.790  1.00 11.63 ? 1   U   A "C4'" 1 
ATOM   4   O "O4'" . U   A 1 1  ? -2.463  2.856   18.421  1.00 14.38 ? 1   U   A "O4'" 1 
ATOM   5   C "C3'" . U   A 1 1  ? -3.671  3.189   16.456  1.00 14.98 ? 1   U   A "C3'" 1 
ATOM   6   O "O3'" . U   A 1 1  ? -4.940  3.578   15.914  1.00 16.97 ? 1   U   A "O3'" 1 
ATOM   7   C "C2'" . U   A 1 1  ? -3.008  4.510   16.828  1.00 18.69 ? 1   U   A "C2'" 1 
ATOM   8   O "O2'" . U   A 1 1  ? -4.023  5.259   17.485  1.00 24.74 ? 1   U   A "O2'" 1 
ATOM   9   C "C1'" . U   A 1 1  ? -1.989  4.099   17.864  1.00 12.90 ? 1   U   A "C1'" 1 
ATOM   10  N N1    . U   A 1 1  ? -0.642  3.697   17.404  1.00 15.37 ? 1   U   A N1    1 
ATOM   11  C C2    . U   A 1 1  ? 0.312   4.695   17.333  1.00 10.02 ? 1   U   A C2    1 
ATOM   12  O O2    . U   A 1 1  ? -0.011  5.874   17.476  1.00 13.22 ? 1   U   A O2    1 
ATOM   13  N N3    . U   A 1 1  ? 1.588   4.303   17.051  1.00 7.95  ? 1   U   A N3    1 
ATOM   14  C C4    . U   A 1 1  ? 1.950   3.001   16.885  1.00 9.90  ? 1   U   A C4    1 
ATOM   15  O O4    . U   A 1 1  ? 3.163   2.756   16.632  1.00 11.99 ? 1   U   A O4    1 
ATOM   16  C C5    . U   A 1 1  ? 0.943   1.997   16.994  1.00 7.92  ? 1   U   A C5    1 
ATOM   17  C C6    . U   A 1 1  ? -0.314  2.384   17.263  1.00 11.79 ? 1   U   A C6    1 
ATOM   18  P P     . U   A 1 2  ? -5.066  3.691   14.323  1.00 26.17 ? 2   U   A P     1 
ATOM   19  O OP1   . U   A 1 2  ? -6.533  3.665   14.037  1.00 27.75 ? 2   U   A OP1   1 
ATOM   20  O OP2   . U   A 1 2  ? -4.336  2.549   13.670  1.00 19.00 ? 2   U   A OP2   1 
ATOM   21  O "O5'" . U   A 1 2  ? -4.313  5.030   13.959  1.00 20.86 ? 2   U   A "O5'" 1 
ATOM   22  C "C5'" . U   A 1 2  ? -4.807  6.353   14.268  1.00 12.81 ? 2   U   A "C5'" 1 
ATOM   23  C "C4'" . U   A 1 2  ? -3.781  7.290   13.664  1.00 7.93  ? 2   U   A "C4'" 1 
ATOM   24  O "O4'" . U   A 1 2  ? -2.569  7.176   14.374  1.00 8.29  ? 2   U   A "O4'" 1 
ATOM   25  C "C3'" . U   A 1 2  ? -3.365  7.042   12.231  1.00 8.79  ? 2   U   A "C3'" 1 
ATOM   26  O "O3'" . U   A 1 2  ? -4.230  7.588   11.236  1.00 11.62 ? 2   U   A "O3'" 1 
ATOM   27  C "C2'" . U   A 1 2  ? -2.029  7.769   12.170  1.00 8.21  ? 2   U   A "C2'" 1 
ATOM   28  O "O2'" . U   A 1 2  ? -2.415  9.140   12.191  1.00 17.98 ? 2   U   A "O2'" 1 
ATOM   29  C "C1'" . U   A 1 2  ? -1.438  7.463   13.525  1.00 5.41  ? 2   U   A "C1'" 1 
ATOM   30  N N1    . U   A 1 2  ? -0.556  6.280   13.536  1.00 4.77  ? 2   U   A N1    1 
ATOM   31  C C2    . U   A 1 2  ? 0.797   6.571   13.524  1.00 3.38  ? 2   U   A C2    1 
ATOM   32  O O2    . U   A 1 2  ? 1.229   7.716   13.438  1.00 3.49  ? 2   U   A O2    1 
ATOM   33  N N3    . U   A 1 2  ? 1.621   5.493   13.613  1.00 3.13  ? 2   U   A N3    1 
ATOM   34  C C4    . U   A 1 2  ? 1.185   4.208   13.676  1.00 6.12  ? 2   U   A C4    1 
ATOM   35  O O4    . U   A 1 2  ? 2.125   3.369   13.751  1.00 4.25  ? 2   U   A O4    1 
ATOM   36  C C5    . U   A 1 2  ? -0.212  3.937   13.678  1.00 4.68  ? 2   U   A C5    1 
ATOM   37  C C6    . U   A 1 2  ? -1.024  5.004   13.630  1.00 5.55  ? 2   U   A C6    1 
ATOM   38  P P     . A   A 1 3  ? -3.850  7.206   9.701   1.00 8.91  ? 3   A   A P     1 
ATOM   39  O OP1   . A   A 1 3  ? -5.076  7.664   9.029   1.00 12.74 ? 3   A   A OP1   1 
ATOM   40  O OP2   . A   A 1 3  ? -3.816  5.716   9.964   1.00 10.83 ? 3   A   A OP2   1 
ATOM   41  O "O5'" . A   A 1 3  ? -2.455  7.886   9.426   1.00 4.43  ? 3   A   A "O5'" 1 
ATOM   42  C "C5'" . A   A 1 3  ? -2.453  9.322   9.230   1.00 9.32  ? 3   A   A "C5'" 1 
ATOM   43  C "C4'" . A   A 1 3  ? -1.032  9.660   8.854   1.00 12.75 ? 3   A   A "C4'" 1 
ATOM   44  O "O4'" . A   A 1 3  ? -0.172  9.235   9.884   1.00 8.90  ? 3   A   A "O4'" 1 
ATOM   45  C "C3'" . A   A 1 3  ? -0.502  8.976   7.605   1.00 14.41 ? 3   A   A "C3'" 1 
ATOM   46  O "O3'" . A   A 1 3  ? -0.953  9.493   6.349   1.00 12.93 ? 3   A   A "O3'" 1 
ATOM   47  C "C2'" . A   A 1 3  ? 0.999   9.094   7.840   1.00 11.47 ? 3   A   A "C2'" 1 
ATOM   48  O "O2'" . A   A 1 3  ? 1.391   10.441  7.646   1.00 25.34 ? 3   A   A "O2'" 1 
ATOM   49  C "C1'" . A   A 1 3  ? 1.115   8.872   9.333   1.00 6.20  ? 3   A   A "C1'" 1 
ATOM   50  N N9    . A   A 1 3  ? 1.441   7.467   9.636   1.00 2.10  ? 3   A   A N9    1 
ATOM   51  C C8    . A   A 1 3  ? 0.522   6.513   9.997   1.00 2.00  ? 3   A   A C8    1 
ATOM   52  N N7    . A   A 1 3  ? 1.063   5.350   10.260  1.00 3.84  ? 3   A   A N7    1 
ATOM   53  C C5    . A   A 1 3  ? 2.425   5.555   10.062  1.00 2.00  ? 3   A   A C5    1 
ATOM   54  C C6    . A   A 1 3  ? 3.530   4.689   10.218  1.00 2.28  ? 3   A   A C6    1 
ATOM   55  N N6    . A   A 1 3  ? 3.470   3.423   10.614  1.00 2.34  ? 3   A   A N6    1 
ATOM   56  N N1    . A   A 1 3  ? 4.746   5.244   9.920   1.00 2.00  ? 3   A   A N1    1 
ATOM   57  C C2    . A   A 1 3  ? 4.876   6.554   9.571   1.00 4.00  ? 3   A   A C2    1 
ATOM   58  N N3    . A   A 1 3  ? 3.871   7.417   9.446   1.00 6.23  ? 3   A   A N3    1 
ATOM   59  C C4    . A   A 1 3  ? 2.671   6.858   9.693   1.00 2.00  ? 3   A   A C4    1 
ATOM   60  P P     . U   A 1 4  ? -0.822  8.614   4.989   1.00 2.00  ? 4   U   A P     1 
ATOM   61  O OP1   . U   A 1 4  ? -1.579  9.564   4.060   1.00 9.22  ? 4   U   A OP1   1 
ATOM   62  O OP2   . U   A 1 4  ? -1.450  7.353   5.070   1.00 5.12  ? 4   U   A OP2   1 
ATOM   63  O "O5'" . U   A 1 4  ? 0.656   8.533   4.713   1.00 10.36 ? 4   U   A "O5'" 1 
ATOM   64  C "C5'" . U   A 1 4  ? 1.649   9.566   4.521   1.00 10.19 ? 4   U   A "C5'" 1 
ATOM   65  C "C4'" . U   A 1 4  ? 3.026   8.949   4.511   1.00 9.61  ? 4   U   A "C4'" 1 
ATOM   66  O "O4'" . U   A 1 4  ? 3.255   8.341   5.763   1.00 6.89  ? 4   U   A "O4'" 1 
ATOM   67  C "C3'" . U   A 1 4  ? 3.362   7.837   3.530   1.00 8.26  ? 4   U   A "C3'" 1 
ATOM   68  O "O3'" . U   A 1 4  ? 3.751   8.172   2.197   1.00 11.09 ? 4   U   A "O3'" 1 
ATOM   69  C "C2'" . U   A 1 4  ? 4.607   7.268   4.189   1.00 9.03  ? 4   U   A "C2'" 1 
ATOM   70  O "O2'" . U   A 1 4  ? 5.526   8.359   4.157   1.00 15.88 ? 4   U   A "O2'" 1 
ATOM   71  C "C1'" . U   A 1 4  ? 4.225   7.278   5.645   1.00 5.76  ? 4   U   A "C1'" 1 
ATOM   72  N N1    . U   A 1 4  ? 3.652   5.990   6.087   1.00 2.00  ? 4   U   A N1    1 
ATOM   73  C C2    . U   A 1 4  ? 4.562   5.122   6.663   1.00 4.92  ? 4   U   A C2    1 
ATOM   74  O O2    . U   A 1 4  ? 5.765   5.372   6.674   1.00 9.92  ? 4   U   A O2    1 
ATOM   75  N N3    . U   A 1 4  ? 4.059   3.965   7.183   1.00 6.09  ? 4   U   A N3    1 
ATOM   76  C C4    . U   A 1 4  ? 2.731   3.655   7.168   1.00 2.92  ? 4   U   A C4    1 
ATOM   77  O O4    . U   A 1 4  ? 2.411   2.552   7.688   1.00 2.00  ? 4   U   A O4    1 
ATOM   78  C C5    . U   A 1 4  ? 1.828   4.572   6.568   1.00 4.04  ? 4   U   A C5    1 
ATOM   79  C C6    . U   A 1 4  ? 2.324   5.716   6.071   1.00 2.00  ? 4   U   A C6    1 
ATOM   80  P P     . A   A 1 5  ? 3.711   7.112   1.056   1.00 8.18  ? 5   A   A P     1 
ATOM   81  O OP1   . A   A 1 5  ? 3.494   7.922   -0.154  1.00 10.00 ? 5   A   A OP1   1 
ATOM   82  O OP2   . A   A 1 5  ? 2.501   6.309   1.430   1.00 11.16 ? 5   A   A OP2   1 
ATOM   83  O "O5'" . A   A 1 5  ? 5.010   6.317   1.028   1.00 13.16 ? 5   A   A "O5'" 1 
ATOM   84  C "C5'" . A   A 1 5  ? 6.361   6.699   0.637   1.00 14.44 ? 5   A   A "C5'" 1 
ATOM   85  C "C4'" . A   A 1 5  ? 7.315   5.617   1.085   1.00 12.02 ? 5   A   A "C4'" 1 
ATOM   86  O "O4'" . A   A 1 5  ? 7.041   5.260   2.417   1.00 13.65 ? 5   A   A "O4'" 1 
ATOM   87  C "C3'" . A   A 1 5  ? 7.227   4.297   0.344   1.00 13.59 ? 5   A   A "C3'" 1 
ATOM   88  O "O3'" . A   A 1 5  ? 7.823   4.329   -0.960  1.00 18.15 ? 5   A   A "O3'" 1 
ATOM   89  C "C2'" . A   A 1 5  ? 7.863   3.317   1.322   1.00 11.90 ? 5   A   A "C2'" 1 
ATOM   90  O "O2'" . A   A 1 5  ? 9.266   3.510   1.286   1.00 15.10 ? 5   A   A "O2'" 1 
ATOM   91  C "C1'" . A   A 1 5  ? 7.349   3.871   2.635   1.00 8.89  ? 5   A   A "C1'" 1 
ATOM   92  N N9    . A   A 1 5  ? 6.162   3.167   3.164   1.00 3.67  ? 5   A   A N9    1 
ATOM   93  C C8    . A   A 1 5  ? 4.844   3.538   3.237   1.00 2.00  ? 5   A   A C8    1 
ATOM   94  N N7    . A   A 1 5  ? 4.080   2.660   3.834   1.00 2.58  ? 5   A   A N7    1 
ATOM   95  C C5    . A   A 1 5  ? 4.965   1.642   4.187   1.00 2.00  ? 5   A   A C5    1 
ATOM   96  C C6    . A   A 1 5  ? 4.765   0.396   4.830   1.00 4.93  ? 5   A   A C6    1 
ATOM   97  N N6    . A   A 1 5  ? 3.564   0.015   5.254   1.00 5.39  ? 5   A   A N6    1 
ATOM   98  N N1    . A   A 1 5  ? 5.902   -0.365  4.962   1.00 6.86  ? 5   A   A N1    1 
ATOM   99  C C2    . A   A 1 5  ? 7.113   0.051   4.493   1.00 7.98  ? 5   A   A C2    1 
ATOM   100 N N3    . A   A 1 5  ? 7.368   1.199   3.876   1.00 2.26  ? 5   A   A N3    1 
ATOM   101 C C4    . A   A 1 5  ? 6.245   1.935   3.770   1.00 2.00  ? 5   A   A C4    1 
ATOM   102 P P     . U   A 1 6  ? 6.982   3.464   -2.088  1.00 14.24 ? 6   U   A P     1 
ATOM   103 O OP1   . U   A 1 6  ? 7.746   3.962   -3.277  1.00 20.60 ? 6   U   A OP1   1 
ATOM   104 O OP2   . U   A 1 6  ? 5.520   3.875   -1.999  1.00 7.32  ? 6   U   A OP2   1 
ATOM   105 O "O5'" . U   A 1 6  ? 7.365   2.014   -1.586  1.00 10.58 ? 6   U   A "O5'" 1 
ATOM   106 C "C5'" . U   A 1 6  ? 8.789   1.750   -1.672  1.00 6.13  ? 6   U   A "C5'" 1 
ATOM   107 C "C4'" . U   A 1 6  ? 9.034   0.342   -1.184  1.00 6.66  ? 6   U   A "C4'" 1 
ATOM   108 O "O4'" . U   A 1 6  ? 8.660   0.298   0.170   1.00 9.50  ? 6   U   A "O4'" 1 
ATOM   109 C "C3'" . U   A 1 6  ? 8.211   -0.763  -1.824  1.00 11.43 ? 6   U   A "C3'" 1 
ATOM   110 O "O3'" . U   A 1 6  ? 8.647   -1.238  -3.098  1.00 17.03 ? 6   U   A "O3'" 1 
ATOM   111 C "C2'" . U   A 1 6  ? 8.260   -1.839  -0.743  1.00 10.37 ? 6   U   A "C2'" 1 
ATOM   112 O "O2'" . U   A 1 6  ? 9.564   -2.405  -0.806  1.00 12.27 ? 6   U   A "O2'" 1 
ATOM   113 C "C1'" . U   A 1 6  ? 8.164   -1.012  0.519   1.00 5.76  ? 6   U   A "C1'" 1 
ATOM   114 N N1    . U   A 1 6  ? 6.760   -0.896  0.953   1.00 3.44  ? 6   U   A N1    1 
ATOM   115 C C2    . U   A 1 6  ? 6.218   -1.869  1.768   1.00 4.19  ? 6   U   A C2    1 
ATOM   116 O O2    . U   A 1 6  ? 6.820   -2.855  2.169   1.00 11.90 ? 6   U   A O2    1 
ATOM   117 N N3    . U   A 1 6  ? 4.924   -1.700  2.164   1.00 6.64  ? 6   U   A N3    1 
ATOM   118 C C4    . U   A 1 6  ? 4.158   -0.652  1.745   1.00 11.12 ? 6   U   A C4    1 
ATOM   119 O O4    . U   A 1 6  ? 2.975   -0.658  2.198   1.00 9.54  ? 6   U   A O4    1 
ATOM   120 C C5    . U   A 1 6  ? 4.724   0.331   0.888   1.00 3.72  ? 6   U   A C5    1 
ATOM   121 C C6    . U   A 1 6  ? 6.010   0.165   0.545   1.00 6.86  ? 6   U   A C6    1 
ATOM   122 P P     . A   A 1 7  ? 7.538   -1.848  -4.127  1.00 20.60 ? 7   A   A P     1 
ATOM   123 O OP1   . A   A 1 7  ? 8.134   -2.449  -5.367  1.00 22.46 ? 7   A   A OP1   1 
ATOM   124 O OP2   . A   A 1 7  ? 6.593   -0.740  -4.292  1.00 21.33 ? 7   A   A OP2   1 
ATOM   125 O "O5'" . A   A 1 7  ? 7.210   -3.125  -3.175  1.00 23.19 ? 7   A   A "O5'" 1 
ATOM   126 C "C5'" . A   A 1 7  ? 8.313   -4.053  -3.374  1.00 18.73 ? 7   A   A "C5'" 1 
ATOM   127 C "C4'" . A   A 1 7  ? 7.835   -5.325  -2.710  1.00 21.65 ? 7   A   A "C4'" 1 
ATOM   128 O "O4'" . A   A 1 7  ? 7.523   -5.076  -1.359  1.00 20.61 ? 7   A   A "O4'" 1 
ATOM   129 C "C3'" . A   A 1 7  ? 6.563   -5.903  -3.311  1.00 20.09 ? 7   A   A "C3'" 1 
ATOM   130 O "O3'" . A   A 1 7  ? 6.741   -6.606  -4.544  1.00 21.43 ? 7   A   A "O3'" 1 
ATOM   131 C "C2'" . A   A 1 7  ? 6.073   -6.786  -2.168  1.00 18.59 ? 7   A   A "C2'" 1 
ATOM   132 O "O2'" . A   A 1 7  ? 6.891   -7.945  -2.285  1.00 10.44 ? 7   A   A "O2'" 1 
ATOM   133 C "C1'" . A   A 1 7  ? 6.425   -5.922  -0.969  1.00 14.22 ? 7   A   A "C1'" 1 
ATOM   134 N N9    . A   A 1 7  ? 5.257   -5.055  -0.683  1.00 9.74  ? 7   A   A N9    1 
ATOM   135 C C8    . A   A 1 7  ? 4.976   -3.811  -1.190  1.00 6.03  ? 7   A   A C8    1 
ATOM   136 N N7    . A   A 1 7  ? 3.841   -3.307  -0.777  1.00 4.54  ? 7   A   A N7    1 
ATOM   137 C C5    . A   A 1 7  ? 3.351   -4.277  0.089   1.00 12.99 ? 7   A   A C5    1 
ATOM   138 C C6    . A   A 1 7  ? 2.156   -4.369  0.841   1.00 11.92 ? 7   A   A C6    1 
ATOM   139 N N6    . A   A 1 7  ? 1.203   -3.445  0.934   1.00 13.19 ? 7   A   A N6    1 
ATOM   140 N N1    . A   A 1 7  ? 1.995   -5.530  1.550   1.00 8.63  ? 7   A   A N1    1 
ATOM   141 C C2    . A   A 1 7  ? 2.927   -6.516  1.533   1.00 12.17 ? 7   A   A C2    1 
ATOM   142 N N3    . A   A 1 7  ? 4.072   -6.492  0.862   1.00 13.89 ? 7   A   A N3    1 
ATOM   143 C C4    . A   A 1 7  ? 4.206   -5.353  0.148   1.00 10.72 ? 7   A   A C4    1 
ATOM   144 P P     . U   A 1 8  ? 5.631   -6.867  -5.567  1.00 22.44 ? 8   U   A P     1 
ATOM   145 O OP1   . U   A 1 8  ? 6.041   -7.551  -6.788  1.00 27.17 ? 8   U   A OP1   1 
ATOM   146 O OP2   . U   A 1 8  ? 4.701   -5.714  -5.801  1.00 26.01 ? 8   U   A OP2   1 
ATOM   147 O "O5'" . U   A 1 8  ? 4.892   -7.967  -4.600  1.00 23.45 ? 8   U   A "O5'" 1 
ATOM   148 C "C5'" . U   A 1 8  ? 5.378   -9.331  -4.673  1.00 15.82 ? 8   U   A "C5'" 1 
ATOM   149 C "C4'" . U   A 1 8  ? 4.255   -10.084 -3.989  1.00 17.65 ? 8   U   A "C4'" 1 
ATOM   150 O "O4'" . U   A 1 8  ? 3.995   -9.438  -2.765  1.00 15.70 ? 8   U   A "O4'" 1 
ATOM   151 C "C3'" . U   A 1 8  ? 2.911   -10.097 -4.690  1.00 13.92 ? 8   U   A "C3'" 1 
ATOM   152 O "O3'" . U   A 1 8  ? 2.709   -11.099 -5.687  1.00 16.39 ? 8   U   A "O3'" 1 
ATOM   153 C "C2'" . U   A 1 8  ? 1.957   -10.349 -3.525  1.00 14.81 ? 8   U   A "C2'" 1 
ATOM   154 O "O2'" . U   A 1 8  ? 2.107   -11.736 -3.270  1.00 20.27 ? 8   U   A "O2'" 1 
ATOM   155 C "C1'" . U   A 1 8  ? 2.604   -9.560  -2.405  1.00 13.16 ? 8   U   A "C1'" 1 
ATOM   156 N N1    . U   A 1 8  ? 1.985   -8.228  -2.245  1.00 10.07 ? 8   U   A N1    1 
ATOM   157 C C2    . U   A 1 8  ? 0.939   -8.065  -1.349  1.00 10.29 ? 8   U   A C2    1 
ATOM   158 O O2    . U   A 1 8  ? 0.474   -9.001  -0.705  1.00 11.85 ? 8   U   A O2    1 
ATOM   159 N N3    . U   A 1 8  ? 0.412   -6.806  -1.245  1.00 12.02 ? 8   U   A N3    1 
ATOM   160 C C4    . U   A 1 8  ? 0.890   -5.736  -1.937  1.00 7.21  ? 8   U   A C4    1 
ATOM   161 O O4    . U   A 1 8  ? 0.340   -4.608  -1.805  1.00 6.30  ? 8   U   A O4    1 
ATOM   162 C C5    . U   A 1 8  ? 2.001   -5.938  -2.804  1.00 7.76  ? 8   U   A C5    1 
ATOM   163 C C6    . U   A 1 8  ? 2.515   -7.171  -2.919  1.00 10.29 ? 8   U   A C6    1 
ATOM   164 P P     . A   A 1 9  ? 1.570   -10.548 -6.731  1.00 16.80 ? 9   A   A P     1 
ATOM   165 O OP1   . A   A 1 9  ? 1.706   -11.272 -8.016  1.00 22.48 ? 9   A   A OP1   1 
ATOM   166 O OP2   . A   A 1 9  ? 1.903   -9.136  -6.864  1.00 24.77 ? 9   A   A OP2   1 
ATOM   167 O "O5'" . A   A 1 9  ? 0.237   -10.835 -6.014  1.00 19.82 ? 9   A   A "O5'" 1 
ATOM   168 C "C5'" . A   A 1 9  ? -0.033  -12.132 -5.423  1.00 14.47 ? 9   A   A "C5'" 1 
ATOM   169 C "C4'" . A   A 1 9  ? -1.463  -11.958 -4.957  1.00 16.27 ? 9   A   A "C4'" 1 
ATOM   170 O "O4'" . A   A 1 9  ? -1.446  -11.142 -3.805  1.00 18.90 ? 9   A   A "O4'" 1 
ATOM   171 C "C3'" . A   A 1 9  ? -2.394  -11.253 -5.935  1.00 16.08 ? 9   A   A "C3'" 1 
ATOM   172 O "O3'" . A   A 1 9  ? -2.882  -12.079 -6.995  1.00 11.57 ? 9   A   A "O3'" 1 
ATOM   173 C "C2'" . A   A 1 9  ? -3.471  -10.707 -5.003  1.00 15.91 ? 9   A   A "C2'" 1 
ATOM   174 O "O2'" . A   A 1 9  ? -4.419  -11.711 -4.658  1.00 12.64 ? 9   A   A "O2'" 1 
ATOM   175 C "C1'" . A   A 1 9  ? -2.648  -10.344 -3.772  1.00 13.28 ? 9   A   A "C1'" 1 
ATOM   176 N N9    . A   A 1 9  ? -2.393  -8.883  -3.823  1.00 6.23  ? 9   A   A N9    1 
ATOM   177 C C8    . A   A 1 9  ? -1.374  -8.234  -4.467  1.00 5.10  ? 9   A   A C8    1 
ATOM   178 N N7    . A   A 1 9  ? -1.441  -6.935  -4.349  1.00 7.76  ? 9   A   A N7    1 
ATOM   179 C C5    . A   A 1 9  ? -2.591  -6.699  -3.601  1.00 4.57  ? 9   A   A C5    1 
ATOM   180 C C6    . A   A 1 9  ? -3.210  -5.507  -3.155  1.00 6.81  ? 9   A   A C6    1 
ATOM   181 N N6    . A   A 1 9  ? -2.739  -4.278  -3.356  1.00 6.76  ? 9   A   A N6    1 
ATOM   182 N N1    . A   A 1 9  ? -4.358  -5.704  -2.432  1.00 2.72  ? 9   A   A N1    1 
ATOM   183 C C2    . A   A 1 9  ? -4.841  -6.943  -2.156  1.00 5.94  ? 9   A   A C2    1 
ATOM   184 N N3    . A   A 1 9  ? -4.301  -8.089  -2.560  1.00 4.94  ? 9   A   A N3    1 
ATOM   185 C C4    . A   A 1 9  ? -3.175  -7.898  -3.269  1.00 2.57  ? 9   A   A C4    1 
ATOM   186 P P     . U   A 1 10 ? -3.655  -11.700 -8.208  1.00 12.72 ? 10  U   A P     1 
ATOM   187 O OP1   . U   A 1 10 ? -4.004  -12.719 -9.264  1.00 17.21 ? 10  U   A OP1   1 
ATOM   188 O OP2   . U   A 1 10 ? -2.869  -10.632 -8.890  1.00 14.19 ? 10  U   A OP2   1 
ATOM   189 O "O5'" . U   A 1 10 ? -5.082  -11.029 -7.865  1.00 12.40 ? 10  U   A "O5'" 1 
ATOM   190 C "C5'" . U   A 1 10 ? -6.232  -11.694 -7.291  1.00 7.71  ? 10  U   A "C5'" 1 
ATOM   191 C "C4'" . U   A 1 10 ? -7.253  -10.698 -6.788  1.00 6.39  ? 10  U   A "C4'" 1 
ATOM   192 O "O4'" . U   A 1 10 ? -6.733  -9.874  -5.768  1.00 6.98  ? 10  U   A "O4'" 1 
ATOM   193 C "C3'" . U   A 1 10 ? -7.824  -9.736  -7.821  1.00 5.17  ? 10  U   A "C3'" 1 
ATOM   194 O "O3'" . U   A 1 10 ? -8.846  -10.337 -8.624  1.00 10.03 ? 10  U   A "O3'" 1 
ATOM   195 C "C2'" . U   A 1 10 ? -8.386  -8.612  -6.970  1.00 5.06  ? 10  U   A "C2'" 1 
ATOM   196 O "O2'" . U   A 1 10 ? -9.690  -9.053  -6.620  1.00 5.32  ? 10  U   A "O2'" 1 
ATOM   197 C "C1'" . U   A 1 10 ? -7.401  -8.594  -5.811  1.00 7.34  ? 10  U   A "C1'" 1 
ATOM   198 N N1    . U   A 1 10 ? -6.369  -7.552  -5.983  1.00 7.85  ? 10  U   A N1    1 
ATOM   199 C C2    . U   A 1 10 ? -6.632  -6.277  -5.509  1.00 6.20  ? 10  U   A C2    1 
ATOM   200 O O2    . U   A 1 10 ? -7.707  -6.001  -4.980  1.00 7.64  ? 10  U   A O2    1 
ATOM   201 N N3    . U   A 1 10 ? -5.619  -5.386  -5.710  1.00 5.95  ? 10  U   A N3    1 
ATOM   202 C C4    . U   A 1 10 ? -4.439  -5.682  -6.316  1.00 2.00  ? 10  U   A C4    1 
ATOM   203 O O4    . U   A 1 10 ? -3.583  -4.777  -6.460  1.00 2.00  ? 10  U   A O4    1 
ATOM   204 C C5    . U   A 1 10 ? -4.184  -7.013  -6.752  1.00 3.51  ? 10  U   A C5    1 
ATOM   205 C C6    . U   A 1 10 ? -5.179  -7.891  -6.549  1.00 6.67  ? 10  U   A C6    1 
ATOM   206 P P     . A   A 1 11 ? -8.876  -10.131 -10.237 1.00 20.17 ? 11  A   A P     1 
ATOM   207 O OP1   . A   A 1 11 ? -9.903  -11.113 -10.643 1.00 19.84 ? 11  A   A OP1   1 
ATOM   208 O OP2   . A   A 1 11 ? -7.578  -10.351 -10.867 1.00 11.94 ? 11  A   A OP2   1 
ATOM   209 O "O5'" . A   A 1 11 ? -9.272  -8.631  -10.231 1.00 14.92 ? 11  A   A "O5'" 1 
ATOM   210 C "C5'" . A   A 1 11 ? -9.057  -7.583  -11.218 1.00 12.49 ? 11  A   A "C5'" 1 
ATOM   211 C "C4'" . A   A 1 11 ? -9.779  -6.479  -10.475 1.00 5.50  ? 11  A   A "C4'" 1 
ATOM   212 O "O4'" . A   A 1 11 ? -8.999  -6.397  -9.301  1.00 10.23 ? 11  A   A "O4'" 1 
ATOM   213 C "C3'" . A   A 1 11 ? -9.858  -5.069  -11.021 1.00 10.89 ? 11  A   A "C3'" 1 
ATOM   214 O "O3'" . A   A 1 11 ? -10.982 -4.837  -11.876 1.00 9.86  ? 11  A   A "O3'" 1 
ATOM   215 C "C2'" . A   A 1 11 ? -9.970  -4.218  -9.758  1.00 3.49  ? 11  A   A "C2'" 1 
ATOM   216 O "O2'" . A   A 1 11 ? -11.338 -4.325  -9.400  1.00 9.82  ? 11  A   A "O2'" 1 
ATOM   217 C "C1'" . A   A 1 11 ? -9.085  -5.035  -8.835  1.00 9.43  ? 11  A   A "C1'" 1 
ATOM   218 N N9    . A   A 1 11 ? -7.700  -4.527  -8.893  1.00 7.58  ? 11  A   A N9    1 
ATOM   219 C C8    . A   A 1 11 ? -6.605  -5.262  -9.268  1.00 6.75  ? 11  A   A C8    1 
ATOM   220 N N7    . A   A 1 11 ? -5.512  -4.550  -9.199  1.00 6.84  ? 11  A   A N7    1 
ATOM   221 C C5    . A   A 1 11 ? -5.921  -3.289  -8.763  1.00 8.52  ? 11  A   A C5    1 
ATOM   222 C C6    . A   A 1 11 ? -5.202  -2.090  -8.501  1.00 7.16  ? 11  A   A C6    1 
ATOM   223 N N6    . A   A 1 11 ? -3.887  -1.993  -8.664  1.00 10.40 ? 11  A   A N6    1 
ATOM   224 N N1    . A   A 1 11 ? -5.979  -1.041  -8.103  1.00 6.14  ? 11  A   A N1    1 
ATOM   225 C C2    . A   A 1 11 ? -7.320  -1.181  -7.923  1.00 10.66 ? 11  A   A C2    1 
ATOM   226 N N3    . A   A 1 11 ? -8.069  -2.256  -8.148  1.00 8.83  ? 11  A   A N3    1 
ATOM   227 C C4    . A   A 1 11 ? -7.283  -3.261  -8.581  1.00 6.83  ? 11  A   A C4    1 
ATOM   228 P P     . U   A 1 12 ? -10.757 -4.513  -13.431 1.00 10.35 ? 12  U   A P     1 
ATOM   229 O OP1   . U   A 1 12 ? -11.932 -5.256  -14.129 1.00 13.15 ? 12  U   A OP1   1 
ATOM   230 O OP2   . U   A 1 12 ? -9.394  -4.875  -13.891 1.00 8.99  ? 12  U   A OP2   1 
ATOM   231 O "O5'" . U   A 1 12 ? -10.980 -2.931  -13.513 1.00 11.58 ? 12  U   A "O5'" 1 
ATOM   232 C "C5'" . U   A 1 12 ? -12.246 -2.368  -13.086 1.00 11.63 ? 12  U   A "C5'" 1 
ATOM   233 C "C4'" . U   A 1 12 ? -11.854 -1.106  -12.354 1.00 13.09 ? 12  U   A "C4'" 1 
ATOM   234 O "O4'" . U   A 1 12 ? -10.897 -1.424  -11.371 1.00 12.73 ? 12  U   A "O4'" 1 
ATOM   235 C "C3'" . U   A 1 12 ? -11.186 -0.034  -13.190 1.00 13.56 ? 12  U   A "C3'" 1 
ATOM   236 O "O3'" . U   A 1 12 ? -12.062 0.740   -14.011 1.00 12.28 ? 12  U   A "O3'" 1 
ATOM   237 C "C2'" . U   A 1 12 ? -10.484 0.777   -12.118 1.00 12.13 ? 12  U   A "C2'" 1 
ATOM   238 O "O2'" . U   A 1 12 ? -11.504 1.469   -11.416 1.00 14.53 ? 12  U   A "O2'" 1 
ATOM   239 C "C1'" . U   A 1 12 ? -10.004 -0.308  -11.177 1.00 9.61  ? 12  U   A "C1'" 1 
ATOM   240 N N1    . U   A 1 12 ? -8.593  -0.647  -11.467 1.00 9.82  ? 12  U   A N1    1 
ATOM   241 C C2    . U   A 1 12 ? -7.652  0.296   -11.092 1.00 5.32  ? 12  U   A C2    1 
ATOM   242 O O2    . U   A 1 12 ? -8.072  1.355   -10.618 1.00 8.34  ? 12  U   A O2    1 
ATOM   243 N N3    . U   A 1 12 ? -6.341  -0.032  -11.288 1.00 3.38  ? 12  U   A N3    1 
ATOM   244 C C4    . U   A 1 12 ? -5.932  -1.219  -11.814 1.00 2.46  ? 12  U   A C4    1 
ATOM   245 O O4    . U   A 1 12 ? -4.704  -1.447  -11.956 1.00 2.31  ? 12  U   A O4    1 
ATOM   246 C C5    . U   A 1 12 ? -6.917  -2.188  -12.162 1.00 5.84  ? 12  U   A C5    1 
ATOM   247 C C6    . U   A 1 12 ? -8.202  -1.850  -11.972 1.00 6.82  ? 12  U   A C6    1 
ATOM   248 P P     . A   A 1 13 ? -11.578 1.016   -15.523 1.00 14.08 ? 13  A   A P     1 
ATOM   249 O OP1   . A   A 1 13 ? -12.744 1.327   -16.472 1.00 15.23 ? 13  A   A OP1   1 
ATOM   250 O OP2   . A   A 1 13 ? -10.763 -0.113  -15.950 1.00 9.92  ? 13  A   A OP2   1 
ATOM   251 O "O5'" . A   A 1 13 ? -10.803 2.417   -15.183 1.00 13.46 ? 13  A   A "O5'" 1 
ATOM   252 C "C5'" . A   A 1 13 ? -11.249 3.494   -14.321 1.00 2.00  ? 13  A   A "C5'" 1 
ATOM   253 C "C4'" . A   A 1 13 ? -10.188 4.575   -14.242 1.00 8.41  ? 13  A   A "C4'" 1 
ATOM   254 O "O4'" . A   A 1 13 ? -9.222  4.072   -13.351 1.00 12.28 ? 13  A   A "O4'" 1 
ATOM   255 C "C3'" . A   A 1 13 ? -9.364  4.935   -15.466 1.00 5.18  ? 13  A   A "C3'" 1 
ATOM   256 O "O3'" . A   A 1 13 ? -9.852  6.011   -16.274 1.00 8.02  ? 13  A   A "O3'" 1 
ATOM   257 C "C2'" . A   A 1 13 ? -8.050  5.449   -14.876 1.00 13.26 ? 13  A   A "C2'" 1 
ATOM   258 O "O2'" . A   A 1 13 ? -8.238  6.789   -14.473 1.00 17.22 ? 13  A   A "O2'" 1 
ATOM   259 C "C1'" . A   A 1 13 ? -7.900  4.556   -13.673 1.00 9.87  ? 13  A   A "C1'" 1 
ATOM   260 N N9    . A   A 1 13 ? -7.035  3.381   -13.905 1.00 8.62  ? 13  A   A N9    1 
ATOM   261 C C8    . A   A 1 13 ? -7.440  2.094   -14.160 1.00 5.17  ? 13  A   A C8    1 
ATOM   262 N N7    . A   A 1 13 ? -6.439  1.263   -14.272 1.00 10.43 ? 13  A   A N7    1 
ATOM   263 C C5    . A   A 1 13 ? -5.309  2.039   -14.042 1.00 4.34  ? 13  A   A C5    1 
ATOM   264 C C6    . A   A 1 13 ? -3.935  1.715   -14.026 1.00 2.33  ? 13  A   A C6    1 
ATOM   265 N N6    . A   A 1 13 ? -3.432  0.497   -14.223 1.00 11.60 ? 13  A   A N6    1 
ATOM   266 N N1    . A   A 1 13 ? -3.112  2.781   -13.789 1.00 10.52 ? 13  A   A N1    1 
ATOM   267 C C2    . A   A 1 13 ? -3.572  4.047   -13.592 1.00 8.47  ? 13  A   A C2    1 
ATOM   268 N N3    . A   A 1 13 ? -4.853  4.408   -13.610 1.00 11.79 ? 13  A   A N3    1 
ATOM   269 C C4    . A   A 1 13 ? -5.665  3.350   -13.822 1.00 6.77  ? 13  A   A C4    1 
ATOM   270 P P     . A   A 1 14 ? -9.720  5.760   -17.864 1.00 9.14  ? 14  A   A P     1 
ATOM   271 O OP1   . A   A 1 14 ? -10.646 6.756   -18.432 1.00 17.21 ? 14  A   A OP1   1 
ATOM   272 O OP2   . A   A 1 14 ? -9.962  4.327   -17.923 1.00 11.64 ? 14  A   A OP2   1 
ATOM   273 O "O5'" . A   A 1 14 ? -8.254  6.274   -18.201 1.00 14.31 ? 14  A   A "O5'" 1 
ATOM   274 C "C5'" . A   A 1 14 ? -7.880  7.628   -17.853 1.00 8.19  ? 14  A   A "C5'" 1 
ATOM   275 C "C4'" . A   A 1 14 ? -6.375  7.679   -17.973 1.00 9.84  ? 14  A   A "C4'" 1 
ATOM   276 O "O4'" . A   A 1 14 ? -5.764  6.823   -17.035 1.00 7.88  ? 14  A   A "O4'" 1 
ATOM   277 C "C3'" . A   A 1 14 ? -5.770  7.262   -19.304 1.00 3.98  ? 14  A   A "C3'" 1 
ATOM   278 O "O3'" . A   A 1 14 ? -5.934  8.256   -20.312 1.00 12.62 ? 14  A   A "O3'" 1 
ATOM   279 C "C2'" . A   A 1 14 ? -4.336  6.999   -18.863 1.00 4.86  ? 14  A   A "C2'" 1 
ATOM   280 O "O2'" . A   A 1 14 ? -3.771  8.300   -18.747 1.00 2.00  ? 14  A   A "O2'" 1 
ATOM   281 C "C1'" . A   A 1 14 ? -4.478  6.360   -17.497 1.00 2.14  ? 14  A   A "C1'" 1 
ATOM   282 N N9    . A   A 1 14 ? -4.420  4.885   -17.491 1.00 3.95  ? 14  A   A N9    1 
ATOM   283 C C8    . A   A 1 14 ? -5.426  3.970   -17.649 1.00 2.22  ? 14  A   A C8    1 
ATOM   284 N N7    . A   A 1 14 ? -5.024  2.723   -17.633 1.00 6.16  ? 14  A   A N7    1 
ATOM   285 C C5    . A   A 1 14 ? -3.655  2.809   -17.388 1.00 4.33  ? 14  A   A C5    1 
ATOM   286 C C6    . A   A 1 14 ? -2.644  1.831   -17.250 1.00 8.14  ? 14  A   A C6    1 
ATOM   287 N N6    . A   A 1 14 ? -2.797  0.509   -17.308 1.00 16.01 ? 14  A   A N6    1 
ATOM   288 N N1    . A   A 1 14 ? -1.372  2.287   -17.026 1.00 8.87  ? 14  A   A N1    1 
ATOM   289 C C2    . A   A 1 14 ? -1.115  3.620   -16.967 1.00 6.82  ? 14  A   A C2    1 
ATOM   290 N N3    . A   A 1 14 ? -2.020  4.582   -17.118 1.00 4.22  ? 14  A   A N3    1 
ATOM   291 C C4    . A   A 1 14 ? -3.275  4.133   -17.309 1.00 5.89  ? 14  A   A C4    1 
ATOM   292 O "O5'" . U   B 1 1  ? 5.070   -1.870  -14.040 1.00 28.59 ? 15  U   B "O5'" 1 
ATOM   293 C "C5'" . U   B 1 1  ? 6.358   -1.467  -14.558 1.00 32.81 ? 15  U   B "C5'" 1 
ATOM   294 C "C4'" . U   B 1 1  ? 6.144   -0.294  -15.484 1.00 30.58 ? 15  U   B "C4'" 1 
ATOM   295 O "O4'" . U   B 1 1  ? 5.322   -0.675  -16.563 1.00 33.03 ? 15  U   B "O4'" 1 
ATOM   296 C "C3'" . U   B 1 1  ? 5.398   0.878   -14.869 1.00 30.76 ? 15  U   B "C3'" 1 
ATOM   297 O "O3'" . U   B 1 1  ? 6.302   1.728   -14.158 1.00 33.25 ? 15  U   B "O3'" 1 
ATOM   298 C "C2'" . U   B 1 1  ? 4.772   1.611   -16.053 1.00 29.76 ? 15  U   B "C2'" 1 
ATOM   299 O "O2'" . U   B 1 1  ? 5.755   2.486   -16.590 1.00 31.01 ? 15  U   B "O2'" 1 
ATOM   300 C "C1'" . U   B 1 1  ? 4.479   0.430   -16.948 1.00 27.02 ? 15  U   B "C1'" 1 
ATOM   301 N N1    . U   B 1 1  ? 3.086   -0.008  -16.709 1.00 27.20 ? 15  U   B N1    1 
ATOM   302 C C2    . U   B 1 1  ? 2.112   0.972   -16.655 1.00 26.26 ? 15  U   B C2    1 
ATOM   303 O O2    . U   B 1 1  ? 2.441   2.143   -16.815 1.00 22.96 ? 15  U   B O2    1 
ATOM   304 N N3    . U   B 1 1  ? 0.835   0.541   -16.431 1.00 26.41 ? 15  U   B N3    1 
ATOM   305 C C4    . U   B 1 1  ? 0.511   -0.772  -16.263 1.00 25.30 ? 15  U   B C4    1 
ATOM   306 O O4    . U   B 1 1  ? -0.699  -1.087  -16.078 1.00 25.06 ? 15  U   B O4    1 
ATOM   307 C C5    . U   B 1 1  ? 1.543   -1.753  -16.307 1.00 27.70 ? 15  U   B C5    1 
ATOM   308 C C6    . U   B 1 1  ? 2.798   -1.325  -16.518 1.00 27.07 ? 15  U   B C6    1 
ATOM   309 P P     . U   B 1 2  ? 6.427   1.449   -12.556 1.00 40.23 ? 16  U   B P     1 
ATOM   310 O OP1   . U   B 1 2  ? 7.900   1.540   -12.231 1.00 35.49 ? 16  U   B OP1   1 
ATOM   311 O OP2   . U   B 1 2  ? 5.925   0.049   -12.402 1.00 40.52 ? 16  U   B OP2   1 
ATOM   312 O "O5'" . U   B 1 2  ? 5.375   2.612   -12.117 1.00 31.34 ? 16  U   B "O5'" 1 
ATOM   313 C "C5'" . U   B 1 2  ? 5.748   3.907   -12.644 1.00 29.97 ? 16  U   B "C5'" 1 
ATOM   314 C "C4'" . U   B 1 2  ? 4.582   4.828   -12.902 1.00 22.88 ? 16  U   B "C4'" 1 
ATOM   315 O "O4'" . U   B 1 2  ? 3.824   4.263   -13.942 1.00 20.99 ? 16  U   B "O4'" 1 
ATOM   316 C "C3'" . U   B 1 2  ? 3.571   5.026   -11.783 1.00 24.36 ? 16  U   B "C3'" 1 
ATOM   317 O "O3'" . U   B 1 2  ? 3.910   5.987   -10.777 1.00 26.03 ? 16  U   B "O3'" 1 
ATOM   318 C "C2'" . U   B 1 2  ? 2.300   5.456   -12.515 1.00 25.77 ? 16  U   B "C2'" 1 
ATOM   319 O "O2'" . U   B 1 2  ? 2.348   6.850   -12.773 1.00 31.95 ? 16  U   B "O2'" 1 
ATOM   320 C "C1'" . U   B 1 2  ? 2.433   4.601   -13.765 1.00 19.70 ? 16  U   B "C1'" 1 
ATOM   321 N N1    . U   B 1 2  ? 1.696   3.331   -13.635 1.00 13.08 ? 16  U   B N1    1 
ATOM   322 C C2    . U   B 1 2  ? 0.351   3.386   -13.949 1.00 17.74 ? 16  U   B C2    1 
ATOM   323 O O2    . U   B 1 2  ? -0.173  4.453   -14.268 1.00 22.86 ? 16  U   B O2    1 
ATOM   324 N N3    . U   B 1 2  ? -0.352  2.219   -13.864 1.00 15.68 ? 16  U   B N3    1 
ATOM   325 C C4    . U   B 1 2  ? 0.207   1.032   -13.506 1.00 15.08 ? 16  U   B C4    1 
ATOM   326 O O4    . U   B 1 2  ? -0.605  0.063   -13.482 1.00 19.22 ? 16  U   B O4    1 
ATOM   327 C C5    . U   B 1 2  ? 1.595   0.993   -13.181 1.00 16.64 ? 16  U   B C5    1 
ATOM   328 C C6    . U   B 1 2  ? 2.269   2.151   -13.255 1.00 17.60 ? 16  U   B C6    1 
ATOM   329 P P     . A   B 1 3  ? 3.540   5.348   -9.333  1.00 32.35 ? 17  A   B P     1 
ATOM   330 O OP1   . A   B 1 3  ? 4.261   6.012   -8.234  1.00 38.14 ? 17  A   B OP1   1 
ATOM   331 O OP2   . A   B 1 3  ? 3.751   3.875   -9.470  1.00 29.50 ? 17  A   B OP2   1 
ATOM   332 O "O5'" . A   B 1 3  ? 1.973   5.715   -9.253  1.00 27.03 ? 17  A   B "O5'" 1 
ATOM   333 C "C5'" . A   B 1 3  ? 1.727   7.072   -8.830  1.00 18.22 ? 17  A   B "C5'" 1 
ATOM   334 C "C4'" . A   B 1 3  ? 0.247   7.270   -9.048  1.00 10.91 ? 17  A   B "C4'" 1 
ATOM   335 O "O4'" . A   B 1 3  ? -0.125  6.603   -10.227 1.00 12.55 ? 17  A   B "O4'" 1 
ATOM   336 C "C3'" . A   B 1 3  ? -0.727  6.728   -8.009  1.00 13.40 ? 17  A   B "C3'" 1 
ATOM   337 O "O3'" . A   B 1 3  ? -0.773  7.512   -6.817  1.00 14.50 ? 17  A   B "O3'" 1 
ATOM   338 C "C2'" . A   B 1 3  ? -2.035  6.710   -8.791  1.00 11.89 ? 17  A   B "C2'" 1 
ATOM   339 O "O2'" . A   B 1 3  ? -2.461  8.025   -9.095  1.00 12.48 ? 17  A   B "O2'" 1 
ATOM   340 C "C1'" . A   B 1 3  ? -1.509  6.227   -10.120 1.00 11.82 ? 17  A   B "C1'" 1 
ATOM   341 N N9    . A   B 1 3  ? -1.544  4.750   -10.150 1.00 9.30  ? 17  A   B N9    1 
ATOM   342 C C8    . A   B 1 3  ? -0.449  3.930   -10.061 1.00 4.21  ? 17  A   B C8    1 
ATOM   343 N N7    . A   B 1 3  ? -0.767  2.668   -10.199 1.00 9.17  ? 17  A   B N7    1 
ATOM   344 C C5    . A   B 1 3  ? -2.146  2.674   -10.411 1.00 8.36  ? 17  A   B C5    1 
ATOM   345 C C6    . A   B 1 3  ? -3.078  1.623   -10.583 1.00 6.35  ? 17  A   B C6    1 
ATOM   346 N N6    . A   B 1 3  ? -2.783  0.322   -10.653 1.00 6.81  ? 17  A   B N6    1 
ATOM   347 N N1    . A   B 1 3  ? -4.378  2.018   -10.718 1.00 9.04  ? 17  A   B N1    1 
ATOM   348 C C2    . A   B 1 3  ? -4.729  3.329   -10.690 1.00 6.73  ? 17  A   B C2    1 
ATOM   349 N N3    . A   B 1 3  ? -3.917  4.369   -10.515 1.00 10.40 ? 17  A   B N3    1 
ATOM   350 C C4    . A   B 1 3  ? -2.641  3.956   -10.373 1.00 6.80  ? 17  A   B C4    1 
ATOM   351 P P     . U   B 1 4  ? -0.824  6.848   -5.396  1.00 16.58 ? 18  U   B P     1 
ATOM   352 O OP1   . U   B 1 4  ? -0.736  7.904   -4.279  1.00 18.79 ? 18  U   B OP1   1 
ATOM   353 O OP2   . U   B 1 4  ? 0.248   5.828   -5.298  1.00 21.21 ? 18  U   B OP2   1 
ATOM   354 O "O5'" . U   B 1 4  ? -2.334  6.321   -5.331  1.00 20.54 ? 18  U   B "O5'" 1 
ATOM   355 C "C5'" . U   B 1 4  ? -3.318  7.247   -5.862  1.00 14.94 ? 18  U   B "C5'" 1 
ATOM   356 C "C4'" . U   B 1 4  ? -4.619  6.480   -5.904  1.00 12.79 ? 18  U   B "C4'" 1 
ATOM   357 O "O4'" . U   B 1 4  ? -4.592  5.677   -7.062  1.00 15.05 ? 18  U   B "O4'" 1 
ATOM   358 C "C3'" . U   B 1 4  ? -4.884  5.513   -4.762  1.00 14.17 ? 18  U   B "C3'" 1 
ATOM   359 O "O3'" . U   B 1 4  ? -5.381  6.171   -3.589  1.00 10.95 ? 18  U   B "O3'" 1 
ATOM   360 C "C2'" . U   B 1 4  ? -5.852  4.533   -5.414  1.00 13.03 ? 18  U   B "C2'" 1 
ATOM   361 O "O2'" . U   B 1 4  ? -7.125  5.164   -5.496  1.00 17.28 ? 18  U   B "O2'" 1 
ATOM   362 C "C1'" . U   B 1 4  ? -5.326  4.456   -6.831  1.00 15.68 ? 18  U   B "C1'" 1 
ATOM   363 N N1    . U   B 1 4  ? -4.425  3.294   -7.002  1.00 12.29 ? 18  U   B N1    1 
ATOM   364 C C2    . U   B 1 4  ? -4.993  2.108   -7.438  1.00 5.83  ? 18  U   B C2    1 
ATOM   365 O O2    . U   B 1 4  ? -6.198  2.033   -7.648  1.00 6.45  ? 18  U   B O2    1 
ATOM   366 N N3    . U   B 1 4  ? -4.130  1.064   -7.590  1.00 11.95 ? 18  U   B N3    1 
ATOM   367 C C4    . U   B 1 4  ? -2.786  1.141   -7.350  1.00 10.75 ? 18  U   B C4    1 
ATOM   368 O O4    . U   B 1 4  ? -2.162  0.061   -7.565  1.00 13.13 ? 18  U   B O4    1 
ATOM   369 C C5    . U   B 1 4  ? -2.239  2.380   -6.917  1.00 8.24  ? 18  U   B C5    1 
ATOM   370 C C6    . U   B 1 4  ? -3.085  3.409   -6.778  1.00 10.24 ? 18  U   B C6    1 
ATOM   371 P P     . A   B 1 5  ? -5.208  5.372   -2.216  1.00 12.87 ? 19  A   B P     1 
ATOM   372 O OP1   . A   B 1 5  ? -5.480  6.472   -1.165  1.00 18.17 ? 19  A   B OP1   1 
ATOM   373 O OP2   . A   B 1 5  ? -3.879  4.792   -2.165  1.00 9.62  ? 19  A   B OP2   1 
ATOM   374 O "O5'" . A   B 1 5  ? -6.423  4.360   -2.111  1.00 12.96 ? 19  A   B "O5'" 1 
ATOM   375 C "C5'" . A   B 1 5  ? -7.771  4.873   -2.263  1.00 17.03 ? 19  A   B "C5'" 1 
ATOM   376 C "C4'" . A   B 1 5  ? -8.633  3.635   -2.426  1.00 14.93 ? 19  A   B "C4'" 1 
ATOM   377 O "O4'" . A   B 1 5  ? -8.360  3.096   -3.698  1.00 14.88 ? 19  A   B "O4'" 1 
ATOM   378 C "C3'" . A   B 1 5  ? -8.302  2.535   -1.430  1.00 12.91 ? 19  A   B "C3'" 1 
ATOM   379 O "O3'" . A   B 1 5  ? -8.930  2.724   -0.159  1.00 16.73 ? 19  A   B "O3'" 1 
ATOM   380 C "C2'" . A   B 1 5  ? -8.730  1.275   -2.192  1.00 11.60 ? 19  A   B "C2'" 1 
ATOM   381 O "O2'" . A   B 1 5  ? -10.128 1.042   -2.137  1.00 12.17 ? 19  A   B "O2'" 1 
ATOM   382 C "C1'" . A   B 1 5  ? -8.385  1.657   -3.624  1.00 11.23 ? 19  A   B "C1'" 1 
ATOM   383 N N9    . A   B 1 5  ? -7.096  0.996   -3.944  1.00 6.83  ? 19  A   B N9    1 
ATOM   384 C C8    . A   B 1 5  ? -5.823  1.509   -3.917  1.00 5.81  ? 19  A   B C8    1 
ATOM   385 N N7    . A   B 1 5  ? -4.899  0.638   -4.226  1.00 6.46  ? 19  A   B N7    1 
ATOM   386 C C5    . A   B 1 5  ? -5.627  -0.519  -4.490  1.00 2.00  ? 19  A   B C5    1 
ATOM   387 C C6    . A   B 1 5  ? -5.209  -1.817  -4.860  1.00 3.46  ? 19  A   B C6    1 
ATOM   388 N N6    . A   B 1 5  ? -3.955  -2.209  -5.083  1.00 5.51  ? 19  A   B N6    1 
ATOM   389 N N1    . A   B 1 5  ? -6.242  -2.705  -4.996  1.00 3.28  ? 19  A   B N1    1 
ATOM   390 C C2    . A   B 1 5  ? -7.550  -2.392  -4.815  1.00 3.85  ? 19  A   B C2    1 
ATOM   391 N N3    . A   B 1 5  ? -7.983  -1.205  -4.419  1.00 3.49  ? 19  A   B N3    1 
ATOM   392 C C4    . A   B 1 5  ? -6.968  -0.322  -4.300  1.00 3.88  ? 19  A   B C4    1 
ATOM   393 P P     . U   B 1 6  ? -8.461  2.290   1.302   1.00 13.22 ? 20  U   B P     1 
ATOM   394 O OP1   . U   B 1 6  ? -8.929  3.222   2.360   1.00 16.03 ? 20  U   B OP1   1 
ATOM   395 O OP2   . U   B 1 6  ? -6.935  2.403   1.075   1.00 19.11 ? 20  U   B OP2   1 
ATOM   396 O "O5'" . U   B 1 6  ? -8.778  0.813   1.456   1.00 15.78 ? 20  U   B "O5'" 1 
ATOM   397 C "C5'" . U   B 1 6  ? -9.896  -0.009  1.864   1.00 16.21 ? 20  U   B "C5'" 1 
ATOM   398 C "C4'" . U   B 1 6  ? -9.874  -1.412  1.306   1.00 12.98 ? 20  U   B "C4'" 1 
ATOM   399 O "O4'" . U   B 1 6  ? -9.528  -1.447  -0.064  1.00 16.41 ? 20  U   B "O4'" 1 
ATOM   400 C "C3'" . U   B 1 6  ? -8.888  -2.374  1.937   1.00 15.20 ? 20  U   B "C3'" 1 
ATOM   401 O "O3'" . U   B 1 6  ? -9.302  -2.902  3.197   1.00 19.02 ? 20  U   B "O3'" 1 
ATOM   402 C "C2'" . U   B 1 6  ? -8.829  -3.491  0.905   1.00 13.91 ? 20  U   B "C2'" 1 
ATOM   403 O "O2'" . U   B 1 6  ? -10.042 -4.177  1.185   1.00 16.35 ? 20  U   B "O2'" 1 
ATOM   404 C "C1'" . U   B 1 6  ? -8.879  -2.688  -0.379  1.00 12.43 ? 20  U   B "C1'" 1 
ATOM   405 N N1    . U   B 1 6  ? -7.471  -2.426  -0.738  1.00 5.13  ? 20  U   B N1    1 
ATOM   406 C C2    . U   B 1 6  ? -6.759  -3.485  -1.282  1.00 12.04 ? 20  U   B C2    1 
ATOM   407 O O2    . U   B 1 6  ? -7.254  -4.576  -1.549  1.00 11.63 ? 20  U   B O2    1 
ATOM   408 N N3    . U   B 1 6  ? -5.444  -3.234  -1.555  1.00 9.80  ? 20  U   B N3    1 
ATOM   409 C C4    . U   B 1 6  ? -4.820  -2.047  -1.313  1.00 6.46  ? 20  U   B C4    1 
ATOM   410 O O4    . U   B 1 6  ? -3.611  -2.029  -1.677  1.00 8.50  ? 20  U   B O4    1 
ATOM   411 C C5    . U   B 1 6  ? -5.586  -0.981  -0.763  1.00 10.65 ? 20  U   B C5    1 
ATOM   412 C C6    . U   B 1 6  ? -6.874  -1.230  -0.491  1.00 7.39  ? 20  U   B C6    1 
ATOM   413 P P     . A   B 1 7  ? -8.408  -2.517  4.507   1.00 19.13 ? 21  A   B P     1 
ATOM   414 O OP1   . A   B 1 7  ? -9.510  -1.892  5.331   1.00 14.55 ? 21  A   B OP1   1 
ATOM   415 O OP2   . A   B 1 7  ? -7.358  -1.558  4.152   1.00 13.20 ? 21  A   B OP2   1 
ATOM   416 O "O5'" . A   B 1 7  ? -7.857  -3.955  4.789   1.00 11.20 ? 21  A   B "O5'" 1 
ATOM   417 C "C5'" . A   B 1 7  ? -8.788  -5.068  4.821   1.00 11.33 ? 21  A   B "C5'" 1 
ATOM   418 C "C4'" . A   B 1 7  ? -8.004  -6.237  4.294   1.00 12.34 ? 21  A   B "C4'" 1 
ATOM   419 O "O4'" . A   B 1 7  ? -7.778  -5.983  2.921   1.00 8.95  ? 21  A   B "O4'" 1 
ATOM   420 C "C3'" . A   B 1 7  ? -6.647  -6.503  4.936   1.00 14.87 ? 21  A   B "C3'" 1 
ATOM   421 O "O3'" . A   B 1 7  ? -6.596  -7.258  6.154   1.00 9.38  ? 21  A   B "O3'" 1 
ATOM   422 C "C2'" . A   B 1 7  ? -5.966  -7.315  3.831   1.00 10.36 ? 21  A   B "C2'" 1 
ATOM   423 O "O2'" . A   B 1 7  ? -6.425  -8.637  4.059   1.00 21.20 ? 21  A   B "O2'" 1 
ATOM   424 C "C1'" . A   B 1 7  ? -6.540  -6.648  2.599   1.00 10.29 ? 21  A   B "C1'" 1 
ATOM   425 N N9    . A   B 1 7  ? -5.541  -5.665  2.141   1.00 7.17  ? 21  A   B N9    1 
ATOM   426 C C8    . A   B 1 7  ? -5.510  -4.308  2.294   1.00 7.56  ? 21  A   B C8    1 
ATOM   427 N N7    . A   B 1 7  ? -4.435  -3.781  1.755   1.00 13.53 ? 21  A   B N7    1 
ATOM   428 C C5    . A   B 1 7  ? -3.733  -4.857  1.213   1.00 11.26 ? 21  A   B C5    1 
ATOM   429 C C6    . A   B 1 7  ? -2.536  -4.961  0.462   1.00 8.29  ? 21  A   B C6    1 
ATOM   430 N N6    . A   B 1 7  ? -1.703  -3.972  0.137   1.00 8.24  ? 21  A   B N6    1 
ATOM   431 N N1    . A   B 1 7  ? -2.145  -6.213  0.082   1.00 7.64  ? 21  A   B N1    1 
ATOM   432 C C2    . A   B 1 7  ? -2.883  -7.308  0.411   1.00 8.35  ? 21  A   B C2    1 
ATOM   433 N N3    . A   B 1 7  ? -4.034  -7.278  1.074   1.00 13.13 ? 21  A   B N3    1 
ATOM   434 C C4    . A   B 1 7  ? -4.404  -6.032  1.456   1.00 8.24  ? 21  A   B C4    1 
ATOM   435 P P     . U   B 1 8  ? -5.660  -6.658  7.306   1.00 15.37 ? 22  U   B P     1 
ATOM   436 O OP1   . U   B 1 8  ? -6.141  -7.348  8.547   1.00 15.74 ? 22  U   B OP1   1 
ATOM   437 O OP2   . U   B 1 8  ? -5.401  -5.274  7.392   1.00 5.20  ? 22  U   B OP2   1 
ATOM   438 O "O5'" . U   B 1 8  ? -4.280  -7.384  6.848   1.00 12.94 ? 22  U   B "O5'" 1 
ATOM   439 C "C5'" . U   B 1 8  ? -4.401  -8.727  7.389   1.00 11.86 ? 22  U   B "C5'" 1 
ATOM   440 C "C4'" . U   B 1 8  ? -3.299  -9.411  6.618   1.00 11.63 ? 22  U   B "C4'" 1 
ATOM   441 O "O4'" . U   B 1 8  ? -3.316  -8.906  5.303   1.00 13.80 ? 22  U   B "O4'" 1 
ATOM   442 C "C3'" . U   B 1 8  ? -1.923  -9.068  7.163   1.00 16.36 ? 22  U   B "C3'" 1 
ATOM   443 O "O3'" . U   B 1 8  ? -1.528  -9.810  8.319   1.00 14.98 ? 22  U   B "O3'" 1 
ATOM   444 C "C2'" . U   B 1 8  ? -1.074  -9.317  5.917   1.00 18.60 ? 22  U   B "C2'" 1 
ATOM   445 O "O2'" . U   B 1 8  ? -0.944  -10.736 5.801   1.00 18.77 ? 22  U   B "O2'" 1 
ATOM   446 C "C1'" . U   B 1 8  ? -1.969  -8.799  4.806   1.00 9.33  ? 22  U   B "C1'" 1 
ATOM   447 N N1    . U   B 1 8  ? -1.673  -7.400  4.434   1.00 8.14  ? 22  U   B N1    1 
ATOM   448 C C2    . U   B 1 8  ? -0.580  -7.190  3.613   1.00 6.96  ? 22  U   B C2    1 
ATOM   449 O O2    . U   B 1 8  ? 0.060   -8.185  3.279   1.00 12.78 ? 22  U   B O2    1 
ATOM   450 N N3    . U   B 1 8  ? -0.271  -5.925  3.210   1.00 6.59  ? 22  U   B N3    1 
ATOM   451 C C4    . U   B 1 8  ? -1.016  -4.839  3.558   1.00 7.47  ? 22  U   B C4    1 
ATOM   452 O O4    . U   B 1 8  ? -0.671  -3.687  3.158   1.00 6.64  ? 22  U   B O4    1 
ATOM   453 C C5    . U   B 1 8  ? -2.130  -5.072  4.408   1.00 10.69 ? 22  U   B C5    1 
ATOM   454 C C6    . U   B 1 8  ? -2.405  -6.320  4.824   1.00 11.85 ? 22  U   B C6    1 
ATOM   455 P P     . A   B 1 9  ? -0.765  -8.768  9.377   1.00 14.80 ? 23  A   B P     1 
ATOM   456 O OP1   . A   B 1 9  ? -0.720  -9.393  10.723  1.00 19.44 ? 23  A   B OP1   1 
ATOM   457 O OP2   . A   B 1 9  ? -1.509  -7.518  9.223   1.00 13.40 ? 23  A   B OP2   1 
ATOM   458 O "O5'" . A   B 1 9  ? 0.699   -8.677  8.771   1.00 11.22 ? 23  A   B "O5'" 1 
ATOM   459 C "C5'" . A   B 1 9  ? 1.281   -9.990  8.604   1.00 8.05  ? 23  A   B "C5'" 1 
ATOM   460 C "C4'" . A   B 1 9  ? 2.493   -9.724  7.743   1.00 14.31 ? 23  A   B "C4'" 1 
ATOM   461 O "O4'" . A   B 1 9  ? 2.195   -9.284  6.439   1.00 16.51 ? 23  A   B "O4'" 1 
ATOM   462 C "C3'" . A   B 1 9  ? 3.354   -8.625  8.344   1.00 13.43 ? 23  A   B "C3'" 1 
ATOM   463 O "O3'" . A   B 1 9  ? 3.933   -9.087  9.564   1.00 15.47 ? 23  A   B "O3'" 1 
ATOM   464 C "C2'" . A   B 1 9  ? 4.216   -8.244  7.145   1.00 12.95 ? 23  A   B "C2'" 1 
ATOM   465 O "O2'" . A   B 1 9  ? 5.213   -9.177  6.770   1.00 15.55 ? 23  A   B "O2'" 1 
ATOM   466 C "C1'" . A   B 1 9  ? 3.223   -8.376  6.003   1.00 10.79 ? 23  A   B "C1'" 1 
ATOM   467 N N9    . A   B 1 9  ? 2.759   -7.003  5.728   1.00 9.26  ? 23  A   B N9    1 
ATOM   468 C C8    . A   B 1 9  ? 1.669   -6.370  6.262   1.00 11.90 ? 23  A   B C8    1 
ATOM   469 N N7    . A   B 1 9  ? 1.537   -5.130  5.858   1.00 13.46 ? 23  A   B N7    1 
ATOM   470 C C5    . A   B 1 9  ? 2.626   -4.934  5.014   1.00 7.23  ? 23  A   B C5    1 
ATOM   471 C C6    . A   B 1 9  ? 3.004   -3.798  4.265   1.00 5.96  ? 23  A   B C6    1 
ATOM   472 N N6    . A   B 1 9  ? 2.317   -2.659  4.236   1.00 5.21  ? 23  A   B N6    1 
ATOM   473 N N1    . A   B 1 9  ? 4.139   -4.011  3.533   1.00 10.33 ? 23  A   B N1    1 
ATOM   474 C C2    . A   B 1 9  ? 4.842   -5.172  3.540   1.00 10.95 ? 23  A   B C2    1 
ATOM   475 N N3    . A   B 1 9  ? 4.523   -6.268  4.228   1.00 9.31  ? 23  A   B N3    1 
ATOM   476 C C4    . A   B 1 9  ? 3.389   -6.076  4.929   1.00 8.13  ? 23  A   B C4    1 
ATOM   477 P P     . U   B 1 10 ? 4.692   -8.234  10.735  1.00 17.51 ? 24  U   B P     1 
ATOM   478 O OP1   . U   B 1 10 ? 5.043   -9.116  11.833  1.00 16.97 ? 24  U   B OP1   1 
ATOM   479 O OP2   . U   B 1 10 ? 3.983   -7.048  11.139  1.00 18.78 ? 24  U   B OP2   1 
ATOM   480 O "O5'" . U   B 1 10 ? 5.884   -7.731  9.726   1.00 16.19 ? 24  U   B "O5'" 1 
ATOM   481 C "C5'" . U   B 1 10 ? 7.259   -7.427  10.025  1.00 16.25 ? 24  U   B "C5'" 1 
ATOM   482 C "C4'" . U   B 1 10 ? 7.955   -6.940  8.775   1.00 16.52 ? 24  U   B "C4'" 1 
ATOM   483 O "O4'" . U   B 1 10 ? 7.066   -6.676  7.713   1.00 16.97 ? 24  U   B "O4'" 1 
ATOM   484 C "C3'" . U   B 1 10 ? 8.638   -5.608  9.059   1.00 15.48 ? 24  U   B "C3'" 1 
ATOM   485 O "O3'" . U   B 1 10 ? 9.839   -5.766  9.817   1.00 18.84 ? 24  U   B "O3'" 1 
ATOM   486 C "C2'" . U   B 1 10 ? 8.752   -4.990  7.668   1.00 13.88 ? 24  U   B "C2'" 1 
ATOM   487 O "O2'" . U   B 1 10 ? 9.934   -5.516  7.078   1.00 19.49 ? 24  U   B "O2'" 1 
ATOM   488 C "C1'" . U   B 1 10 ? 7.466   -5.476  7.008   1.00 12.74 ? 24  U   B "C1'" 1 
ATOM   489 N N1    . U   B 1 10 ? 6.330   -4.523  7.133   1.00 6.79  ? 24  U   B N1    1 
ATOM   490 C C2    . U   B 1 10 ? 6.323   -3.302  6.477   1.00 5.66  ? 24  U   B C2    1 
ATOM   491 O O2    . U   B 1 10 ? 7.244   -2.931  5.750   1.00 14.51 ? 24  U   B O2    1 
ATOM   492 N N3    . U   B 1 10 ? 5.215   -2.524  6.644   1.00 7.61  ? 24  U   B N3    1 
ATOM   493 C C4    . U   B 1 10 ? 4.149   -2.824  7.442   1.00 8.96  ? 24  U   B C4    1 
ATOM   494 O O4    . U   B 1 10 ? 3.228   -1.954  7.444   1.00 8.16  ? 24  U   B O4    1 
ATOM   495 C C5    . U   B 1 10 ? 4.176   -4.060  8.154   1.00 5.13  ? 24  U   B C5    1 
ATOM   496 C C6    . U   B 1 10 ? 5.261   -4.818  7.942   1.00 9.60  ? 24  U   B C6    1 
ATOM   497 P P     . A   B 1 11 ? 10.082  -4.799  11.138  1.00 19.42 ? 25  A   B P     1 
ATOM   498 O OP1   . A   B 1 11 ? 11.111  -5.504  11.968  1.00 22.20 ? 25  A   B OP1   1 
ATOM   499 O OP2   . A   B 1 11 ? 8.834   -4.675  11.876  1.00 21.13 ? 25  A   B OP2   1 
ATOM   500 O "O5'" . A   B 1 11 ? 10.728  -3.603  10.336  1.00 17.42 ? 25  A   B "O5'" 1 
ATOM   501 C "C5'" . A   B 1 11 ? 11.806  -3.730  9.368   1.00 9.72  ? 25  A   B "C5'" 1 
ATOM   502 C "C4'" . A   B 1 11 ? 11.842  -2.356  8.733   1.00 14.48 ? 25  A   B "C4'" 1 
ATOM   503 O "O4'" . A   B 1 11 ? 10.718  -2.192  7.893   1.00 13.62 ? 25  A   B "O4'" 1 
ATOM   504 C "C3'" . A   B 1 11 ? 11.745  -1.193  9.708   1.00 12.66 ? 25  A   B "C3'" 1 
ATOM   505 O "O3'" . A   B 1 11 ? 12.942  -0.839  10.402  1.00 15.91 ? 25  A   B "O3'" 1 
ATOM   506 C "C2'" . A   B 1 11 ? 11.226  -0.081  8.800   1.00 13.80 ? 25  A   B "C2'" 1 
ATOM   507 O "O2'" . A   B 1 11 ? 12.308  0.381   8.006   1.00 15.12 ? 25  A   B "O2'" 1 
ATOM   508 C "C1'" . A   B 1 11 ? 10.277  -0.820  7.873   1.00 7.62  ? 25  A   B "C1'" 1 
ATOM   509 N N9    . A   B 1 11 ? 8.875   -0.661  8.317   1.00 5.14  ? 25  A   B N9    1 
ATOM   510 C C8    . A   B 1 11 ? 8.111   -1.534  9.050   1.00 2.07  ? 25  A   B C8    1 
ATOM   511 N N7    . A   B 1 11 ? 6.883   -1.139  9.240   1.00 2.00  ? 25  A   B N7    1 
ATOM   512 C C5    . A   B 1 11 ? 6.808   0.070   8.553   1.00 3.07  ? 25  A   B C5    1 
ATOM   513 C C6    . A   B 1 11 ? 5.747   0.990   8.387   1.00 4.54  ? 25  A   B C6    1 
ATOM   514 N N6    . A   B 1 11 ? 4.512   0.851   8.873   1.00 2.00  ? 25  A   B N6    1 
ATOM   515 N N1    . A   B 1 11 ? 6.063   2.079   7.624   1.00 2.00  ? 25  A   B N1    1 
ATOM   516 C C2    . A   B 1 11 ? 7.304   2.270   7.105   1.00 4.66  ? 25  A   B C2    1 
ATOM   517 N N3    . A   B 1 11 ? 8.343   1.452   7.258   1.00 5.82  ? 25  A   B N3    1 
ATOM   518 C C4    . A   B 1 11 ? 8.026   0.372   7.994   1.00 2.00  ? 25  A   B C4    1 
ATOM   519 P P     . U   B 1 12 ? 12.769  -0.113  11.899  1.00 14.19 ? 26  U   B P     1 
ATOM   520 O OP1   . U   B 1 12 ? 13.740  -0.560  12.886  1.00 18.89 ? 26  U   B OP1   1 
ATOM   521 O OP2   . U   B 1 12 ? 11.464  -0.732  12.280  1.00 19.55 ? 26  U   B OP2   1 
ATOM   522 O "O5'" . U   B 1 12 ? 12.592  1.421   11.651  1.00 11.88 ? 26  U   B "O5'" 1 
ATOM   523 C "C5'" . U   B 1 12 ? 13.526  2.373   11.086  1.00 7.57  ? 26  U   B "C5'" 1 
ATOM   524 C "C4'" . U   B 1 12 ? 12.853  3.466   10.293  1.00 6.24  ? 26  U   B "C4'" 1 
ATOM   525 O "O4'" . U   B 1 12 ? 11.780  3.028   9.493   1.00 11.12 ? 26  U   B "O4'" 1 
ATOM   526 C "C3'" . U   B 1 12 ? 12.213  4.533   11.162  1.00 9.51  ? 26  U   B "C3'" 1 
ATOM   527 O "O3'" . U   B 1 12 ? 13.202  5.354   11.780  1.00 12.14 ? 26  U   B "O3'" 1 
ATOM   528 C "C2'" . U   B 1 12 ? 11.251  5.217   10.199  1.00 8.08  ? 26  U   B "C2'" 1 
ATOM   529 O "O2'" . U   B 1 12 ? 12.028  6.062   9.361   1.00 6.71  ? 26  U   B "O2'" 1 
ATOM   530 C "C1'" . U   B 1 12 ? 10.755  4.036   9.392   1.00 5.10  ? 26  U   B "C1'" 1 
ATOM   531 N N1    . U   B 1 12 ? 9.488   3.553   9.981   1.00 7.38  ? 26  U   B N1    1 
ATOM   532 C C2    . U   B 1 12 ? 8.337   4.290   9.750   1.00 8.27  ? 26  U   B C2    1 
ATOM   533 O O2    . U   B 1 12 ? 8.426   5.309   9.066   1.00 8.47  ? 26  U   B O2    1 
ATOM   534 N N3    . U   B 1 12 ? 7.189   3.790   10.293  1.00 4.21  ? 26  U   B N3    1 
ATOM   535 C C4    . U   B 1 12 ? 7.100   2.658   11.045  1.00 2.70  ? 26  U   B C4    1 
ATOM   536 O O4    . U   B 1 12 ? 6.010   2.287   11.553  1.00 5.62  ? 26  U   B O4    1 
ATOM   537 C C5    . U   B 1 12 ? 8.298   1.925   11.274  1.00 2.00  ? 26  U   B C5    1 
ATOM   538 C C6    . U   B 1 12 ? 9.418   2.414   10.724  1.00 7.51  ? 26  U   B C6    1 
ATOM   539 P P     . A   B 1 13 ? 13.096  5.617   13.379  1.00 17.01 ? 27  A   B P     1 
ATOM   540 O OP1   . A   B 1 13 ? 14.314  6.454   13.663  1.00 17.56 ? 27  A   B OP1   1 
ATOM   541 O OP2   . A   B 1 13 ? 12.618  4.620   14.301  1.00 13.38 ? 27  A   B OP2   1 
ATOM   542 O "O5'" . A   B 1 13 ? 11.857  6.700   13.179  1.00 18.53 ? 27  A   B "O5'" 1 
ATOM   543 C "C5'" . A   B 1 13 ? 12.225  7.782   12.284  1.00 17.24 ? 27  A   B "C5'" 1 
ATOM   544 C "C4'" . A   B 1 13 ? 11.027  8.702   12.228  1.00 13.41 ? 27  A   B "C4'" 1 
ATOM   545 O "O4'" . A   B 1 13 ? 9.987   8.124   11.477  1.00 17.52 ? 27  A   B "O4'" 1 
ATOM   546 C "C3'" . A   B 1 13 ? 10.440  8.930   13.614  1.00 13.73 ? 27  A   B "C3'" 1 
ATOM   547 O "O3'" . A   B 1 13 ? 11.208  9.876   14.364  1.00 16.08 ? 27  A   B "O3'" 1 
ATOM   548 C "C2'" . A   B 1 13 ? 9.011   9.352   13.316  1.00 14.28 ? 27  A   B "C2'" 1 
ATOM   549 O "O2'" . A   B 1 13 ? 8.951   10.687  12.834  1.00 13.43 ? 27  A   B "O2'" 1 
ATOM   550 C "C1'" . A   B 1 13 ? 8.740   8.458   12.121  1.00 10.49 ? 27  A   B "C1'" 1 
ATOM   551 N N9    . A   B 1 13 ? 8.112   7.231   12.658  1.00 2.00  ? 27  A   B N9    1 
ATOM   552 C C8    . A   B 1 13 ? 8.651   6.036   13.060  1.00 2.00  ? 27  A   B C8    1 
ATOM   553 N N7    . A   B 1 13 ? 7.777   5.158   13.476  1.00 2.00  ? 27  A   B N7    1 
ATOM   554 C C5    . A   B 1 13 ? 6.569   5.841   13.359  1.00 2.00  ? 27  A   B C5    1 
ATOM   555 C C6    . A   B 1 13 ? 5.229   5.472   13.622  1.00 2.00  ? 27  A   B C6    1 
ATOM   556 N N6    . A   B 1 13 ? 4.850   4.289   14.078  1.00 4.63  ? 27  A   B N6    1 
ATOM   557 N N1    . A   B 1 13 ? 4.275   6.421   13.390  1.00 4.44  ? 27  A   B N1    1 
ATOM   558 C C2    . A   B 1 13 ? 4.624   7.640   12.897  1.00 8.01  ? 27  A   B C2    1 
ATOM   559 N N3    . A   B 1 13 ? 5.851   8.073   12.618  1.00 5.40  ? 27  A   B N3    1 
ATOM   560 C C4    . A   B 1 13 ? 6.763   7.119   12.886  1.00 2.00  ? 27  A   B C4    1 
ATOM   561 P P     . A   B 1 14 ? 11.016  10.135  15.953  1.00 23.39 ? 28  A   B P     1 
ATOM   562 O OP1   . A   B 1 14 ? 12.273  11.004  16.005  1.00 16.84 ? 28  A   B OP1   1 
ATOM   563 O OP2   . A   B 1 14 ? 11.050  8.874   16.729  1.00 12.59 ? 28  A   B OP2   1 
ATOM   564 O "O5'" . A   B 1 14 ? 9.706   10.999  15.915  1.00 14.74 ? 28  A   B "O5'" 1 
ATOM   565 C "C5'" . A   B 1 14 ? 9.264   12.096  16.757  1.00 17.23 ? 28  A   B "C5'" 1 
ATOM   566 C "C4'" . A   B 1 14 ? 7.780   12.216  16.517  1.00 11.61 ? 28  A   B "C4'" 1 
ATOM   567 O "O4'" . A   B 1 14 ? 7.405   11.193  15.624  1.00 18.88 ? 28  A   B "O4'" 1 
ATOM   568 C "C3'" . A   B 1 14 ? 6.958   11.974  17.774  1.00 10.76 ? 28  A   B "C3'" 1 
ATOM   569 O "O3'" . A   B 1 14 ? 6.860   13.144  18.591  1.00 17.46 ? 28  A   B "O3'" 1 
ATOM   570 C "C2'" . A   B 1 14 ? 5.654   11.461  17.176  1.00 12.36 ? 28  A   B "C2'" 1 
ATOM   571 O "O2'" . A   B 1 14 ? 4.949   12.594  16.696  1.00 11.15 ? 28  A   B "O2'" 1 
ATOM   572 C "C1'" . A   B 1 14 ? 6.109   10.659  15.972  1.00 10.93 ? 28  A   B "C1'" 1 
ATOM   573 N N9    . A   B 1 14 ? 6.235   9.240   16.342  1.00 6.32  ? 28  A   B N9    1 
ATOM   574 C C8    . A   B 1 14 ? 7.324   8.531   16.782  1.00 9.01  ? 28  A   B C8    1 
ATOM   575 N N7    . A   B 1 14 ? 7.094   7.267   17.052  1.00 8.83  ? 28  A   B N7    1 
ATOM   576 C C5    . A   B 1 14 ? 5.729   7.144   16.824  1.00 4.64  ? 28  A   B C5    1 
ATOM   577 C C6    . A   B 1 14 ? 4.860   6.038   16.947  1.00 7.73  ? 28  A   B C6    1 
ATOM   578 N N6    . A   B 1 14 ? 5.187   4.798   17.302  1.00 9.94  ? 28  A   B N6    1 
ATOM   579 N N1    . A   B 1 14 ? 3.569   6.294   16.564  1.00 7.93  ? 28  A   B N1    1 
ATOM   580 C C2    . A   B 1 14 ? 3.146   7.525   16.163  1.00 13.09 ? 28  A   B C2    1 
ATOM   581 N N3    . A   B 1 14 ? 3.918   8.609   16.056  1.00 14.90 ? 28  A   B N3    1 
ATOM   582 C C4    . A   B 1 14 ? 5.199   8.334   16.377  1.00 9.54  ? 28  A   B C4    1 
HETATM 583 O O     . HOH C 2 .  ? -10.254 -1.966  -7.029  1.00 19.11 ? 29  HOH A O     1 
HETATM 584 O O     . HOH C 2 .  ? -10.647 -12.692 -7.877  1.00 27.76 ? 30  HOH A O     1 
HETATM 585 O O     . HOH C 2 .  ? -0.653  3.178   10.473  0.68 11.69 ? 31  HOH A O     1 
HETATM 586 O O     . HOH C 2 .  ? 0.533   10.141  12.952  1.00 16.06 ? 33  HOH A O     1 
HETATM 587 O O     . HOH C 2 .  ? 11.007  -0.708  -4.414  0.75 7.91  ? 34  HOH A O     1 
HETATM 588 O O     . HOH C 2 .  ? -2.496  -5.182  -10.305 0.70 13.07 ? 35  HOH A O     1 
HETATM 589 O O     . HOH C 2 .  ? -6.552  0.641   -18.273 1.00 34.60 ? 36  HOH A O     1 
HETATM 590 O O     . HOH C 2 .  ? -0.139  12.814  6.751   1.00 22.38 ? 38  HOH A O     1 
HETATM 591 O O     . HOH C 2 .  ? -12.956 -3.687  -16.721 1.00 24.34 ? 40  HOH A O     1 
HETATM 592 O O     . HOH C 2 .  ? 2.013   -10.551 -10.699 1.00 31.32 ? 41  HOH A O     1 
HETATM 593 O O     . HOH C 2 .  ? 1.123   9.110   -1.827  0.83 20.14 ? 42  HOH A O     1 
HETATM 594 O O     . HOH C 2 .  ? -16.030 -1.295  -14.086 0.88 11.21 ? 43  HOH A O     1 
HETATM 595 O O     . HOH C 2 .  ? -12.622 -14.441 -7.828  1.00 36.22 ? 45  HOH A O     1 
HETATM 596 O O     . HOH C 2 .  ? 10.866  1.592   1.824   1.00 23.03 ? 46  HOH A O     1 
HETATM 597 O O     . HOH C 2 .  ? -4.604  6.683   4.951   0.79 8.20  ? 47  HOH A O     1 
HETATM 598 O O     . HOH C 2 .  ? -12.005 -7.702  -15.670 0.98 31.01 ? 54  HOH A O     1 
HETATM 599 O O     . HOH C 2 .  ? -0.715  9.020   0.379   0.67 18.26 ? 56  HOH A O     1 
HETATM 600 O O     . HOH C 2 .  ? 0.203   -15.628 -4.648  1.00 23.05 ? 61  HOH A O     1 
HETATM 601 O O     . HOH C 2 .  ? -8.400  6.414   -22.874 1.00 13.14 ? 62  HOH A O     1 
HETATM 602 O O     . HOH C 2 .  ? -18.638 2.870   -14.195 0.51 9.65  ? 63  HOH A O     1 
HETATM 603 O O     . HOH C 2 .  ? 3.128   -7.415  -9.227  1.00 37.06 ? 64  HOH A O     1 
HETATM 604 O O     . HOH C 2 .  ? -5.129  -1.987  -15.585 1.00 29.20 ? 65  HOH A O     1 
HETATM 605 O O     . HOH C 2 .  ? -12.103 5.032   -10.610 1.00 19.05 ? 66  HOH A O     1 
HETATM 606 O O     . HOH C 2 .  ? -12.766 2.833   -19.558 1.00 32.18 ? 69  HOH A O     1 
HETATM 607 O O     . HOH C 2 .  ? -12.381 7.176   -13.093 0.59 12.66 ? 70  HOH A O     1 
HETATM 608 O O     . HOH C 2 .  ? -15.102 0.825   -13.250 0.75 16.31 ? 71  HOH A O     1 
HETATM 609 O O     . HOH C 2 .  ? 2.201   -14.135 -7.390  0.66 20.59 ? 72  HOH A O     1 
HETATM 610 O O     . HOH C 2 .  ? 10.919  -5.470  -1.041  1.00 23.97 ? 74  HOH A O     1 
HETATM 611 O O     . HOH C 2 .  ? 4.921   11.116  6.836   1.00 40.11 ? 78  HOH A O     1 
HETATM 612 O O     . HOH C 2 .  ? 1.003   3.496   3.613   0.90 42.44 ? 80  HOH A O     1 
HETATM 613 O O     . HOH C 2 .  ? 4.027   -9.697  2.027   0.82 28.31 ? 86  HOH A O     1 
HETATM 614 O O     . HOH C 2 .  ? -5.002  -12.261 -12.419 0.69 16.92 ? 90  HOH A O     1 
HETATM 615 O O     . HOH C 2 .  ? -1.778  5.048   6.335   0.70 24.93 ? 93  HOH A O     1 
HETATM 616 O O     . HOH C 2 .  ? -0.029  -0.489  -0.765  0.89 41.94 ? 95  HOH A O     1 
HETATM 617 O O     . HOH C 2 .  ? -3.518  12.177  6.256   0.62 27.26 ? 96  HOH A O     1 
HETATM 618 O O     . HOH C 2 .  ? 8.809   -4.934  1.106   1.00 33.01 ? 98  HOH A O     1 
HETATM 619 O O     . HOH C 2 .  ? 1.550   0.328   11.888  0.83 33.01 ? 101 HOH A O     1 
HETATM 620 O O     . HOH C 2 .  ? -2.358  1.171   13.113  1.00 44.12 ? 102 HOH A O     1 
HETATM 621 O O     . HOH C 2 .  ? 2.560   -1.301  -1.296  0.51 23.26 ? 104 HOH A O     1 
HETATM 622 O O     . HOH C 2 .  ? -8.040  -3.783  -15.793 1.00 36.11 ? 105 HOH A O     1 
HETATM 623 O O     . HOH C 2 .  ? -1.467  1.328   20.788  0.78 33.71 ? 109 HOH A O     1 
HETATM 624 O O     . HOH C 2 .  ? 4.180   5.970   -4.013  0.99 42.74 ? 110 HOH A O     1 
HETATM 625 O O     . HOH C 2 .  ? 2.864   1.495   -2.161  0.87 33.29 ? 112 HOH A O     1 
HETATM 626 O O     . HOH C 2 .  ? -4.315  -8.546  -10.906 0.73 36.70 ? 114 HOH A O     1 
HETATM 627 O O     . HOH C 2 .  ? -6.333  7.099   -12.821 0.75 39.44 ? 115 HOH A O     1 
HETATM 628 O O     . HOH C 2 .  ? -12.871 -14.464 -4.952  0.94 38.90 ? 118 HOH A O     1 
HETATM 629 O O     . HOH C 2 .  ? -2.851  -9.448  -13.140 0.68 37.26 ? 119 HOH A O     1 
HETATM 630 O O     . HOH D 2 .  ? -0.174  -4.472  7.325   0.97 34.75 ? 32  HOH B O     1 
HETATM 631 O O     . HOH D 2 .  ? 6.523   -4.096  12.791  1.00 26.70 ? 37  HOH B O     1 
HETATM 632 O O     . HOH D 2 .  ? -8.990  -11.189 3.978   1.00 14.11 ? 39  HOH B O     1 
HETATM 633 O O     . HOH D 2 .  ? -0.252  -8.608  13.310  0.71 7.55  ? 44  HOH B O     1 
HETATM 634 O O     . HOH D 2 .  ? 7.447   13.830  21.055  1.00 27.97 ? 48  HOH B O     1 
HETATM 635 O O     . HOH D 2 .  ? -1.109  -11.088 12.447  1.00 19.39 ? 49  HOH B O     1 
HETATM 636 O O     . HOH D 2 .  ? -2.411  -2.884  -15.204 1.00 35.06 ? 50  HOH B O     1 
HETATM 637 O O     . HOH D 2 .  ? 5.026   -0.276  12.806  1.00 44.48 ? 51  HOH B O     1 
HETATM 638 O O     . HOH D 2 .  ? -8.242  -7.045  -1.372  0.98 17.00 ? 52  HOH B O     1 
HETATM 639 O O     . HOH D 2 .  ? 4.678   -0.604  -9.937  0.58 16.64 ? 53  HOH B O     1 
HETATM 640 O O     . HOH D 2 .  ? -1.827  1.393   -3.539  0.94 24.08 ? 55  HOH B O     1 
HETATM 641 O O     . HOH D 2 .  ? -8.725  -9.574  5.726   0.87 22.93 ? 57  HOH B O     1 
HETATM 642 O O     . HOH D 2 .  ? 9.496   2.893   14.471  1.00 18.08 ? 58  HOH B O     1 
HETATM 643 O O     . HOH D 2 .  ? 3.077   0.284   -6.885  1.00 40.94 ? 59  HOH B O     1 
HETATM 644 O O     . HOH D 2 .  ? -12.356 -6.050  5.491   1.00 21.29 ? 60  HOH B O     1 
HETATM 645 O O     . HOH D 2 .  ? 11.880  -7.870  4.502   0.97 24.05 ? 67  HOH B O     1 
HETATM 646 O O     . HOH D 2 .  ? -7.858  -2.668  9.114   1.00 39.88 ? 68  HOH B O     1 
HETATM 647 O O     . HOH D 2 .  ? 2.503   -13.042 7.473   0.96 28.27 ? 73  HOH B O     1 
HETATM 648 O O     . HOH D 2 .  ? 8.273   7.652   9.184   1.00 24.26 ? 75  HOH B O     1 
HETATM 649 O O     . HOH D 2 .  ? 8.408   1.163   -18.443 1.00 32.55 ? 76  HOH B O     1 
HETATM 650 O O     . HOH D 2 .  ? 0.619   7.781   -14.470 1.00 28.53 ? 77  HOH B O     1 
HETATM 651 O O     . HOH D 2 .  ? 16.513  8.965   11.807  0.75 19.10 ? 79  HOH B O     1 
HETATM 652 O O     . HOH D 2 .  ? -3.339  -0.311  2.042   1.00 39.00 ? 81  HOH B O     1 
HETATM 653 O O     . HOH D 2 .  ? -4.778  -2.678  6.242   0.91 17.96 ? 82  HOH B O     1 
HETATM 654 O O     . HOH D 2 .  ? 1.481   5.566   -2.670  0.96 17.61 ? 83  HOH B O     1 
HETATM 655 O O     . HOH D 2 .  ? -2.325  -3.815  8.809   0.88 43.97 ? 84  HOH B O     1 
HETATM 656 O O     . HOH D 2 .  ? -2.432  2.628   -1.077  1.00 24.51 ? 85  HOH B O     1 
HETATM 657 O O     . HOH D 2 .  ? 3.884   -9.892  14.299  1.00 24.17 ? 87  HOH B O     1 
HETATM 658 O O     . HOH D 2 .  ? -3.016  -11.795 3.250   1.00 23.60 ? 88  HOH B O     1 
HETATM 659 O O     . HOH D 2 .  ? 0.772   -1.333  -4.763  1.00 46.50 ? 89  HOH B O     1 
HETATM 660 O O     . HOH D 2 .  ? 5.702   -2.413  -8.199  0.52 4.88  ? 91  HOH B O     1 
HETATM 661 O O     . HOH D 2 .  ? -11.212 -4.919  8.873   0.95 40.83 ? 92  HOH B O     1 
HETATM 662 O O     . HOH D 2 .  ? -11.472 0.198   6.188   0.80 37.66 ? 94  HOH B O     1 
HETATM 663 O O     . HOH D 2 .  ? 3.223   -2.234  -12.508 0.81 32.85 ? 97  HOH B O     1 
HETATM 664 O O     . HOH D 2 .  ? -12.153 -1.189  -2.856  0.63 36.43 ? 99  HOH B O     1 
HETATM 665 O O     . HOH D 2 .  ? 4.764   -1.861  10.813  1.00 41.36 ? 100 HOH B O     1 
HETATM 666 O O     . HOH D 2 .  ? -0.234  -0.175  4.468   0.72 40.51 ? 103 HOH B O     1 
HETATM 667 O O     . HOH D 2 .  ? -6.395  9.232   0.604   0.75 44.31 ? 106 HOH B O     1 
HETATM 668 O O     . HOH D 2 .  ? 9.456   -6.731  14.586  0.96 45.52 ? 107 HOH B O     1 
HETATM 669 O O     . HOH D 2 .  ? 9.396   6.456   17.054  1.00 32.53 ? 108 HOH B O     1 
HETATM 670 O O     . HOH D 2 .  ? 10.300  3.942   17.000  0.85 39.94 ? 111 HOH B O     1 
HETATM 671 O O     . HOH D 2 .  ? 10.813  15.146  20.908  0.93 38.19 ? 113 HOH B O     1 
HETATM 672 O O     . HOH D 2 .  ? -5.824  6.928   2.144   0.96 37.90 ? 116 HOH B O     1 
HETATM 673 O O     . HOH D 2 .  ? 0.971   0.464   -9.804  0.78 38.04 ? 117 HOH B O     1 
# 
